data_3MYB
#
_entry.id   3MYB
#
_cell.length_a   78.450
_cell.length_b   78.450
_cell.length_c   113.430
_cell.angle_alpha   90.00
_cell.angle_beta   90.00
_cell.angle_gamma   120.00
#
_symmetry.space_group_name_H-M   'P 32'
#
loop_
_entity.id
_entity.type
_entity.pdbx_description
1 polymer 'Enoyl-CoA hydratase'
2 non-polymer GLYCEROL
3 water water
#
_entity_poly.entity_id   1
_entity_poly.type   'polypeptide(L)'
_entity_poly.pdbx_seq_one_letter_code
;MAHHHHHHMGTLEAQTQGPGSMSEPLLLQDRDERGVVTLTLNRPQAFNALSEAMLAALGEAFGTLAEDESVRAVVLAASG
KAFCAGHDLKEMRAEPSREYYEKLFARCTDVMLAIQRLPAPVIARVHGIATAAGCQLVAMCDLAVATRDARFAVSGINVG
LFCSTPGVALSRNVGRKAAFEMLVTGEFVSADDAKGLGLVNRVVAPKALDDEIEAMVSKIVAKPRAAVAMGKALFYRQIE
TDIESAYADAGTTMACNMMDPSALEGVSAFLEKRRPEWHTPQPSTA
;
_entity_poly.pdbx_strand_id   A,B,C
#
# COMPACT_ATOMS: atom_id res chain seq x y z
N GLU A 24 -35.57 -23.24 1.56
CA GLU A 24 -35.06 -22.01 2.25
C GLU A 24 -34.20 -21.13 1.33
N PRO A 25 -34.38 -19.80 1.39
CA PRO A 25 -33.68 -18.94 0.45
C PRO A 25 -32.18 -19.05 0.61
N LEU A 26 -31.46 -18.92 -0.52
CA LEU A 26 -30.00 -18.94 -0.54
C LEU A 26 -29.37 -17.72 0.10
N LEU A 27 -30.12 -16.62 0.12
CA LEU A 27 -29.64 -15.36 0.65
C LEU A 27 -30.78 -14.76 1.44
N LEU A 28 -30.58 -14.55 2.74
CA LEU A 28 -31.58 -13.87 3.58
C LEU A 28 -31.37 -12.37 3.53
N GLN A 29 -32.45 -11.61 3.62
CA GLN A 29 -32.37 -10.17 3.62
C GLN A 29 -33.28 -9.58 4.68
N ASP A 30 -32.70 -8.80 5.58
CA ASP A 30 -33.44 -8.19 6.69
C ASP A 30 -33.06 -6.71 6.71
N ARG A 31 -33.97 -5.86 7.14
CA ARG A 31 -33.73 -4.42 7.18
C ARG A 31 -34.36 -3.84 8.44
N ASP A 32 -33.63 -2.97 9.12
CA ASP A 32 -34.11 -2.36 10.34
C ASP A 32 -34.74 -1.00 9.99
N GLU A 33 -35.16 -0.21 10.99
CA GLU A 33 -35.82 1.05 10.69
C GLU A 33 -34.85 2.22 10.47
N ARG A 34 -33.56 1.92 10.49
CA ARG A 34 -32.49 2.93 10.25
C ARG A 34 -31.98 2.90 8.82
N GLY A 35 -32.48 1.97 8.00
CA GLY A 35 -31.96 1.77 6.65
C GLY A 35 -30.71 0.91 6.57
N VAL A 36 -30.48 0.10 7.61
CA VAL A 36 -29.37 -0.87 7.66
C VAL A 36 -29.88 -2.23 7.19
N VAL A 37 -29.35 -2.70 6.06
CA VAL A 37 -29.74 -3.98 5.47
C VAL A 37 -28.72 -5.04 5.82
N THR A 38 -29.17 -6.18 6.32
CA THR A 38 -28.29 -7.33 6.55
C THR A 38 -28.57 -8.36 5.49
N LEU A 39 -27.59 -8.69 4.66
CA LEU A 39 -27.67 -9.78 3.70
C LEU A 39 -26.90 -10.94 4.28
N THR A 40 -27.55 -12.08 4.43
CA THR A 40 -26.95 -13.28 5.04
C THR A 40 -26.83 -14.45 4.05
N LEU A 41 -25.60 -14.79 3.65
CA LEU A 41 -25.35 -15.98 2.84
C LEU A 41 -25.95 -17.17 3.58
N ASN A 42 -26.78 -17.96 2.89
CA ASN A 42 -27.58 -18.97 3.57
C ASN A 42 -27.55 -20.34 2.92
N ARG A 43 -26.34 -20.84 2.69
CA ARG A 43 -26.13 -22.27 2.38
C ARG A 43 -25.17 -22.87 3.42
N PRO A 44 -25.64 -22.97 4.69
CA PRO A 44 -24.73 -23.26 5.80
C PRO A 44 -23.98 -24.58 5.67
N GLN A 45 -24.61 -25.62 5.09
CA GLN A 45 -23.97 -26.92 4.97
C GLN A 45 -22.95 -26.93 3.82
N ALA A 46 -23.14 -26.06 2.82
CA ALA A 46 -22.17 -25.90 1.74
C ALA A 46 -21.13 -24.80 2.03
N PHE A 47 -21.11 -24.34 3.27
CA PHE A 47 -20.19 -23.28 3.68
C PHE A 47 -20.38 -22.04 2.82
N ASN A 48 -21.66 -21.80 2.49
CA ASN A 48 -22.08 -20.59 1.80
C ASN A 48 -21.36 -20.37 0.46
N ALA A 49 -21.00 -21.45 -0.21
CA ALA A 49 -20.34 -21.34 -1.49
C ALA A 49 -21.12 -20.56 -2.51
N LEU A 50 -20.39 -19.83 -3.34
CA LEU A 50 -20.92 -18.93 -4.35
C LEU A 50 -21.26 -19.70 -5.63
N SER A 51 -22.28 -20.55 -5.54
CA SER A 51 -22.87 -21.22 -6.71
C SER A 51 -23.43 -20.18 -7.68
N GLU A 52 -23.82 -20.61 -8.87
CA GLU A 52 -24.44 -19.73 -9.84
CA GLU A 52 -24.42 -19.69 -9.83
C GLU A 52 -25.66 -19.06 -9.23
N ALA A 53 -26.45 -19.85 -8.54
CA ALA A 53 -27.70 -19.31 -7.98
C ALA A 53 -27.43 -18.32 -6.84
N MET A 54 -26.39 -18.58 -6.05
CA MET A 54 -26.04 -17.67 -4.95
C MET A 54 -25.57 -16.36 -5.55
N LEU A 55 -24.73 -16.44 -6.59
CA LEU A 55 -24.27 -15.25 -7.28
C LEU A 55 -25.41 -14.45 -7.89
N ALA A 56 -26.40 -15.14 -8.47
CA ALA A 56 -27.54 -14.44 -9.05
C ALA A 56 -28.29 -13.69 -7.95
N ALA A 57 -28.50 -14.37 -6.82
CA ALA A 57 -29.19 -13.77 -5.66
C ALA A 57 -28.46 -12.53 -5.12
N LEU A 58 -27.15 -12.64 -4.96
CA LEU A 58 -26.34 -11.50 -4.54
C LEU A 58 -26.42 -10.35 -5.57
N GLY A 59 -26.34 -10.68 -6.86
CA GLY A 59 -26.44 -9.66 -7.92
C GLY A 59 -27.75 -8.89 -7.86
N GLU A 60 -28.85 -9.62 -7.73
CA GLU A 60 -30.15 -8.99 -7.63
C GLU A 60 -30.29 -8.17 -6.37
N ALA A 61 -29.78 -8.66 -5.24
CA ALA A 61 -29.93 -7.91 -3.99
C ALA A 61 -29.16 -6.60 -4.08
N PHE A 62 -27.91 -6.65 -4.50
CA PHE A 62 -27.12 -5.42 -4.62
C PHE A 62 -27.66 -4.50 -5.68
N GLY A 63 -28.15 -5.05 -6.78
CA GLY A 63 -28.82 -4.25 -7.82
C GLY A 63 -30.01 -3.47 -7.31
N THR A 64 -30.85 -4.12 -6.51
CA THR A 64 -32.03 -3.47 -5.93
C THR A 64 -31.61 -2.37 -4.92
N LEU A 65 -30.66 -2.72 -4.08
CA LEU A 65 -30.19 -1.80 -3.04
C LEU A 65 -29.56 -0.55 -3.66
N ALA A 66 -28.88 -0.70 -4.79
CA ALA A 66 -28.18 0.40 -5.45
C ALA A 66 -29.12 1.51 -5.91
N GLU A 67 -30.38 1.16 -6.17
CA GLU A 67 -31.38 2.13 -6.61
C GLU A 67 -32.15 2.80 -5.46
N ASP A 68 -31.85 2.40 -4.23
CA ASP A 68 -32.59 2.86 -3.04
C ASP A 68 -31.72 3.82 -2.24
N GLU A 69 -31.98 5.12 -2.37
CA GLU A 69 -31.16 6.12 -1.68
C GLU A 69 -31.35 6.14 -0.17
N SER A 70 -32.37 5.46 0.35
CA SER A 70 -32.59 5.38 1.78
C SER A 70 -31.72 4.34 2.48
N VAL A 71 -31.07 3.44 1.72
CA VAL A 71 -30.21 2.44 2.34
C VAL A 71 -28.96 3.17 2.89
N ARG A 72 -28.67 2.95 4.16
CA ARG A 72 -27.55 3.63 4.83
C ARG A 72 -26.30 2.76 5.00
N ALA A 73 -26.45 1.44 5.08
CA ALA A 73 -25.30 0.54 5.26
C ALA A 73 -25.79 -0.86 5.00
N VAL A 74 -24.88 -1.72 4.58
CA VAL A 74 -25.15 -3.14 4.39
C VAL A 74 -24.17 -3.94 5.20
N VAL A 75 -24.65 -4.89 5.99
CA VAL A 75 -23.85 -5.86 6.68
C VAL A 75 -23.96 -7.16 5.91
N LEU A 76 -22.83 -7.72 5.47
CA LEU A 76 -22.79 -8.97 4.71
C LEU A 76 -22.38 -10.03 5.71
N ALA A 77 -23.37 -10.85 6.12
CA ALA A 77 -23.23 -11.89 7.12
C ALA A 77 -23.38 -13.27 6.47
N ALA A 78 -23.27 -14.30 7.29
CA ALA A 78 -23.27 -15.68 6.78
C ALA A 78 -23.69 -16.68 7.84
N SER A 79 -24.43 -17.67 7.34
CA SER A 79 -25.00 -18.72 8.19
CA SER A 79 -25.02 -18.76 8.13
C SER A 79 -24.04 -19.89 8.41
N GLY A 80 -24.29 -20.63 9.47
CA GLY A 80 -23.50 -21.82 9.76
C GLY A 80 -22.10 -21.53 10.28
N LYS A 81 -21.23 -22.52 10.15
CA LYS A 81 -19.89 -22.43 10.77
C LYS A 81 -18.89 -21.61 9.98
N ALA A 82 -19.07 -21.45 8.66
CA ALA A 82 -18.12 -20.71 7.78
C ALA A 82 -18.69 -19.37 7.38
N PHE A 83 -17.84 -18.42 7.04
CA PHE A 83 -18.25 -17.21 6.34
C PHE A 83 -18.54 -17.57 4.86
N CYS A 84 -17.53 -17.98 4.11
CA CYS A 84 -17.69 -18.36 2.72
C CYS A 84 -16.51 -19.14 2.19
N ALA A 85 -16.79 -20.32 1.69
CA ALA A 85 -15.75 -21.20 1.13
C ALA A 85 -15.28 -20.83 -0.27
N GLY A 86 -15.95 -19.87 -0.91
CA GLY A 86 -15.65 -19.43 -2.27
C GLY A 86 -16.55 -20.08 -3.30
N HIS A 87 -16.03 -20.26 -4.52
CA HIS A 87 -16.84 -20.85 -5.59
C HIS A 87 -17.30 -22.26 -5.15
N ASP A 88 -18.39 -22.70 -5.74
CA ASP A 88 -18.94 -24.04 -5.48
C ASP A 88 -18.24 -25.05 -6.38
N LEU A 89 -17.31 -25.80 -5.80
CA LEU A 89 -16.39 -26.64 -6.59
C LEU A 89 -17.16 -27.79 -7.25
N LYS A 90 -18.15 -28.35 -6.54
CA LYS A 90 -18.97 -29.47 -7.08
C LYS A 90 -19.70 -28.99 -8.35
N GLU A 91 -20.29 -27.82 -8.28
CA GLU A 91 -21.02 -27.28 -9.43
C GLU A 91 -20.10 -26.96 -10.57
N MET A 92 -18.99 -26.25 -10.25
CA MET A 92 -18.02 -25.76 -11.22
CA MET A 92 -18.18 -25.73 -11.31
C MET A 92 -17.41 -26.85 -12.05
N ARG A 93 -17.10 -27.96 -11.36
CA ARG A 93 -16.35 -29.04 -11.92
C ARG A 93 -17.19 -29.91 -12.85
N ALA A 94 -18.52 -29.82 -12.81
CA ALA A 94 -19.33 -30.83 -13.43
C ALA A 94 -19.19 -30.88 -14.96
N GLU A 95 -19.18 -29.72 -15.59
CA GLU A 95 -19.13 -29.58 -17.05
C GLU A 95 -18.10 -28.51 -17.41
N PRO A 96 -16.82 -28.92 -17.45
CA PRO A 96 -15.75 -27.94 -17.70
C PRO A 96 -15.62 -27.46 -19.15
N SER A 97 -15.56 -26.15 -19.33
CA SER A 97 -15.18 -25.54 -20.59
C SER A 97 -14.65 -24.13 -20.32
N ARG A 98 -13.78 -23.66 -21.20
CA ARG A 98 -13.18 -22.34 -21.04
C ARG A 98 -14.29 -21.29 -20.95
N GLU A 99 -15.26 -21.39 -21.87
CA GLU A 99 -16.34 -20.41 -21.94
C GLU A 99 -17.17 -20.38 -20.66
N TYR A 100 -17.49 -21.56 -20.12
CA TYR A 100 -18.27 -21.65 -18.88
C TYR A 100 -17.52 -20.93 -17.76
N TYR A 101 -16.23 -21.22 -17.57
CA TYR A 101 -15.47 -20.59 -16.49
C TYR A 101 -15.31 -19.10 -16.71
N GLU A 102 -15.07 -18.67 -17.94
CA GLU A 102 -14.94 -17.21 -18.23
C GLU A 102 -16.18 -16.48 -17.76
N LYS A 103 -17.33 -17.05 -18.12
CA LYS A 103 -18.64 -16.45 -17.78
C LYS A 103 -18.91 -16.49 -16.28
N LEU A 104 -18.60 -17.60 -15.63
CA LEU A 104 -18.83 -17.77 -14.21
C LEU A 104 -17.99 -16.74 -13.45
N PHE A 105 -16.72 -16.65 -13.80
CA PHE A 105 -15.84 -15.73 -13.11
C PHE A 105 -16.20 -14.28 -13.39
N ALA A 106 -16.64 -13.98 -14.61
CA ALA A 106 -17.15 -12.63 -14.88
C ALA A 106 -18.39 -12.32 -14.05
N ARG A 107 -19.26 -13.28 -13.87
CA ARG A 107 -20.46 -13.09 -13.04
CA ARG A 107 -20.44 -13.02 -13.09
C ARG A 107 -20.10 -12.81 -11.58
N CYS A 108 -19.11 -13.51 -11.08
CA CYS A 108 -18.58 -13.25 -9.73
C CYS A 108 -17.99 -11.87 -9.65
N THR A 109 -17.18 -11.51 -10.65
CA THR A 109 -16.61 -10.17 -10.69
C THR A 109 -17.72 -9.11 -10.69
N ASP A 110 -18.82 -9.34 -11.41
CA ASP A 110 -19.90 -8.36 -11.43
C ASP A 110 -20.49 -8.13 -10.04
N VAL A 111 -20.65 -9.20 -9.26
CA VAL A 111 -21.12 -9.08 -7.86
C VAL A 111 -20.11 -8.31 -6.99
N MET A 112 -18.83 -8.57 -7.20
CA MET A 112 -17.78 -7.98 -6.40
C MET A 112 -17.76 -6.47 -6.69
N LEU A 113 -17.80 -6.13 -7.98
CA LEU A 113 -17.80 -4.69 -8.35
C LEU A 113 -19.09 -4.01 -7.89
N ALA A 114 -20.22 -4.73 -7.87
CA ALA A 114 -21.44 -4.15 -7.32
C ALA A 114 -21.30 -3.79 -5.84
N ILE A 115 -20.60 -4.60 -5.05
CA ILE A 115 -20.31 -4.25 -3.66
C ILE A 115 -19.56 -2.94 -3.57
N GLN A 116 -18.50 -2.83 -4.35
CA GLN A 116 -17.66 -1.64 -4.31
C GLN A 116 -18.33 -0.41 -4.89
N ARG A 117 -19.29 -0.60 -5.77
CA ARG A 117 -20.01 0.51 -6.36
C ARG A 117 -21.34 0.87 -5.68
N LEU A 118 -21.74 0.10 -4.67
CA LEU A 118 -22.98 0.38 -3.95
C LEU A 118 -22.84 1.74 -3.27
N PRO A 119 -23.89 2.60 -3.33
CA PRO A 119 -23.78 3.91 -2.68
C PRO A 119 -24.04 3.92 -1.18
N ALA A 120 -23.73 2.83 -0.50
CA ALA A 120 -23.71 2.72 0.95
C ALA A 120 -22.51 1.85 1.32
N PRO A 121 -21.91 2.08 2.50
CA PRO A 121 -20.82 1.20 2.94
C PRO A 121 -21.32 -0.23 3.11
N VAL A 122 -20.48 -1.19 2.78
CA VAL A 122 -20.73 -2.61 2.96
C VAL A 122 -19.67 -3.16 3.92
N ILE A 123 -20.12 -3.73 5.03
CA ILE A 123 -19.29 -4.26 6.10
C ILE A 123 -19.38 -5.78 6.15
N ALA A 124 -18.26 -6.49 6.03
CA ALA A 124 -18.30 -7.94 6.15
C ALA A 124 -18.27 -8.32 7.62
N ARG A 125 -19.16 -9.22 8.01
CA ARG A 125 -19.23 -9.79 9.35
C ARG A 125 -18.66 -11.19 9.29
N VAL A 126 -17.39 -11.37 9.67
CA VAL A 126 -16.69 -12.63 9.41
C VAL A 126 -16.50 -13.44 10.69
N HIS A 127 -17.30 -14.49 10.84
CA HIS A 127 -17.32 -15.31 12.05
C HIS A 127 -16.69 -16.69 11.91
N GLY A 128 -16.16 -17.00 10.73
CA GLY A 128 -15.59 -18.31 10.44
C GLY A 128 -14.71 -18.19 9.21
N ILE A 129 -14.37 -19.32 8.59
CA ILE A 129 -13.41 -19.33 7.47
C ILE A 129 -13.92 -18.52 6.28
N ALA A 130 -13.00 -17.80 5.67
CA ALA A 130 -13.22 -17.08 4.43
C ALA A 130 -12.10 -17.50 3.49
N THR A 131 -12.45 -18.31 2.50
CA THR A 131 -11.43 -18.85 1.60
C THR A 131 -11.72 -18.55 0.13
N ALA A 132 -10.65 -18.26 -0.62
CA ALA A 132 -10.72 -18.12 -2.09
C ALA A 132 -11.67 -16.98 -2.45
N ALA A 133 -12.73 -17.19 -3.24
CA ALA A 133 -13.66 -16.09 -3.47
C ALA A 133 -14.37 -15.61 -2.20
N GLY A 134 -14.39 -16.39 -1.12
CA GLY A 134 -14.88 -15.93 0.19
C GLY A 134 -13.97 -14.91 0.85
N CYS A 135 -12.67 -15.09 0.64
CA CYS A 135 -11.70 -14.09 1.08
C CYS A 135 -11.84 -12.85 0.19
N GLN A 136 -12.00 -13.04 -1.10
CA GLN A 136 -12.26 -11.98 -2.05
C GLN A 136 -13.43 -11.10 -1.58
N LEU A 137 -14.53 -11.72 -1.15
CA LEU A 137 -15.67 -10.94 -0.67
C LEU A 137 -15.25 -10.00 0.45
N VAL A 138 -14.50 -10.49 1.44
CA VAL A 138 -14.05 -9.65 2.56
C VAL A 138 -13.21 -8.48 2.04
N ALA A 139 -12.27 -8.79 1.15
CA ALA A 139 -11.40 -7.78 0.60
C ALA A 139 -12.16 -6.72 -0.21
N MET A 140 -13.27 -7.09 -0.85
CA MET A 140 -14.08 -6.15 -1.64
C MET A 140 -15.01 -5.30 -0.78
N CYS A 141 -15.44 -5.80 0.36
CA CYS A 141 -16.24 -4.99 1.27
C CYS A 141 -15.43 -3.77 1.72
N ASP A 142 -16.09 -2.64 1.93
CA ASP A 142 -15.40 -1.40 2.37
C ASP A 142 -14.73 -1.53 3.74
N LEU A 143 -15.36 -2.30 4.62
CA LEU A 143 -15.00 -2.50 6.00
C LEU A 143 -15.22 -3.98 6.38
N ALA A 144 -14.56 -4.45 7.43
CA ALA A 144 -14.78 -5.81 7.92
C ALA A 144 -14.45 -5.95 9.39
N VAL A 145 -15.28 -6.67 10.09
CA VAL A 145 -15.11 -7.09 11.50
C VAL A 145 -15.05 -8.59 11.58
N ALA A 146 -13.98 -9.14 12.17
CA ALA A 146 -13.82 -10.59 12.25
C ALA A 146 -13.79 -11.03 13.72
N THR A 147 -14.15 -12.29 13.94
CA THR A 147 -13.90 -12.92 15.22
C THR A 147 -12.50 -13.48 15.24
N ARG A 148 -12.00 -13.70 16.45
CA ARG A 148 -10.60 -14.02 16.65
C ARG A 148 -10.32 -15.38 16.12
N ASP A 149 -11.36 -16.19 15.99
CA ASP A 149 -11.16 -17.50 15.42
C ASP A 149 -11.44 -17.62 13.92
N ALA A 150 -11.95 -16.56 13.25
CA ALA A 150 -12.06 -16.51 11.77
C ALA A 150 -10.68 -16.67 11.17
N ARG A 151 -10.61 -17.39 10.05
CA ARG A 151 -9.35 -17.58 9.30
C ARG A 151 -9.53 -17.21 7.85
N PHE A 152 -8.48 -16.71 7.19
CA PHE A 152 -8.55 -16.17 5.84
C PHE A 152 -7.51 -16.88 4.97
N ALA A 153 -7.92 -17.33 3.79
CA ALA A 153 -6.96 -17.90 2.86
C ALA A 153 -7.38 -17.65 1.44
N VAL A 154 -6.40 -17.64 0.52
CA VAL A 154 -6.70 -17.65 -0.89
C VAL A 154 -6.21 -19.03 -1.38
N SER A 155 -7.01 -20.04 -1.07
CA SER A 155 -6.60 -21.45 -1.09
C SER A 155 -6.99 -22.20 -2.34
N GLY A 156 -7.31 -21.48 -3.41
CA GLY A 156 -7.57 -22.10 -4.69
C GLY A 156 -6.41 -22.96 -5.13
N ILE A 157 -5.19 -22.51 -4.87
CA ILE A 157 -3.99 -23.25 -5.29
C ILE A 157 -3.98 -24.67 -4.71
N ASN A 158 -4.65 -24.90 -3.59
CA ASN A 158 -4.67 -26.24 -2.99
C ASN A 158 -5.49 -27.22 -3.84
N VAL A 159 -6.30 -26.70 -4.75
CA VAL A 159 -7.00 -27.55 -5.74
C VAL A 159 -6.47 -27.31 -7.17
N GLY A 160 -5.32 -26.64 -7.25
CA GLY A 160 -4.63 -26.45 -8.53
C GLY A 160 -5.09 -25.27 -9.35
N LEU A 161 -5.89 -24.40 -8.71
CA LEU A 161 -6.48 -23.20 -9.33
C LEU A 161 -5.96 -21.99 -8.58
N PHE A 162 -4.93 -21.37 -9.11
CA PHE A 162 -4.39 -20.16 -8.46
C PHE A 162 -5.53 -19.14 -8.28
N CYS A 163 -5.57 -18.50 -7.11
CA CYS A 163 -6.59 -17.51 -6.83
C CYS A 163 -6.35 -16.19 -7.57
N SER A 164 -6.43 -16.18 -8.91
CA SER A 164 -6.22 -14.98 -9.69
C SER A 164 -7.22 -13.85 -9.39
N THR A 165 -8.50 -14.19 -9.40
CA THR A 165 -9.49 -13.15 -9.14
C THR A 165 -9.47 -12.72 -7.64
N PRO A 166 -9.38 -13.69 -6.68
CA PRO A 166 -9.28 -13.20 -5.29
C PRO A 166 -8.04 -12.36 -5.09
N GLY A 167 -6.98 -12.68 -5.80
CA GLY A 167 -5.73 -11.92 -5.70
C GLY A 167 -5.87 -10.46 -6.09
N VAL A 168 -6.72 -10.15 -7.04
CA VAL A 168 -7.00 -8.75 -7.41
C VAL A 168 -7.46 -7.97 -6.18
N ALA A 169 -8.43 -8.52 -5.46
CA ALA A 169 -8.97 -7.84 -4.27
C ALA A 169 -7.95 -7.86 -3.14
N LEU A 170 -7.30 -8.99 -2.91
CA LEU A 170 -6.39 -9.16 -1.81
C LEU A 170 -5.23 -8.17 -1.95
N SER A 171 -4.67 -8.04 -3.17
CA SER A 171 -3.55 -7.18 -3.38
C SER A 171 -3.86 -5.69 -3.29
N ARG A 172 -5.14 -5.35 -3.13
CA ARG A 172 -5.59 -3.96 -2.89
C ARG A 172 -5.96 -3.76 -1.39
N ASN A 173 -5.76 -4.75 -0.56
CA ASN A 173 -5.88 -4.66 0.89
C ASN A 173 -4.55 -4.92 1.66
N VAL A 174 -3.62 -5.74 1.12
CA VAL A 174 -2.42 -6.13 1.84
C VAL A 174 -1.21 -5.93 0.92
N GLY A 175 -0.03 -5.91 1.55
CA GLY A 175 1.20 -5.74 0.80
C GLY A 175 1.52 -6.85 -0.20
N ARG A 176 2.39 -6.52 -1.18
CA ARG A 176 2.68 -7.41 -2.27
C ARG A 176 3.23 -8.74 -1.77
N LYS A 177 4.27 -8.67 -0.93
CA LYS A 177 4.89 -9.92 -0.45
C LYS A 177 3.91 -10.78 0.37
N ALA A 178 3.10 -10.16 1.21
CA ALA A 178 2.13 -10.89 1.99
C ALA A 178 1.08 -11.56 1.06
N ALA A 179 0.62 -10.80 0.06
CA ALA A 179 -0.35 -11.33 -0.92
C ALA A 179 0.26 -12.48 -1.69
N PHE A 180 1.47 -12.31 -2.19
CA PHE A 180 2.10 -13.38 -2.99
C PHE A 180 2.22 -14.64 -2.16
N GLU A 181 2.67 -14.53 -0.90
CA GLU A 181 2.82 -15.69 -0.03
C GLU A 181 1.49 -16.44 0.17
N MET A 182 0.44 -15.67 0.42
CA MET A 182 -0.90 -16.24 0.60
C MET A 182 -1.35 -16.96 -0.65
N LEU A 183 -1.12 -16.36 -1.79
CA LEU A 183 -1.58 -16.91 -3.07
C LEU A 183 -0.86 -18.18 -3.49
N VAL A 184 0.46 -18.22 -3.33
CA VAL A 184 1.23 -19.35 -3.79
CA VAL A 184 1.21 -19.37 -3.79
C VAL A 184 1.21 -20.55 -2.83
N THR A 185 0.98 -20.29 -1.52
CA THR A 185 0.96 -21.36 -0.50
C THR A 185 -0.45 -21.81 -0.12
N GLY A 186 -1.42 -20.92 -0.24
CA GLY A 186 -2.80 -21.27 0.07
C GLY A 186 -3.07 -21.42 1.56
N GLU A 187 -2.13 -21.02 2.40
CA GLU A 187 -2.25 -21.22 3.84
CA GLU A 187 -2.24 -21.21 3.85
C GLU A 187 -3.13 -20.18 4.51
N PHE A 188 -3.73 -20.58 5.63
CA PHE A 188 -4.58 -19.72 6.43
C PHE A 188 -3.76 -18.65 7.13
N VAL A 189 -4.36 -17.47 7.27
CA VAL A 189 -3.88 -16.38 8.05
C VAL A 189 -4.90 -16.13 9.16
N SER A 190 -4.43 -15.89 10.38
CA SER A 190 -5.34 -15.65 11.50
C SER A 190 -6.05 -14.29 11.36
N ALA A 191 -7.15 -14.14 12.10
CA ALA A 191 -7.88 -12.87 12.09
C ALA A 191 -7.03 -11.69 12.52
N ASP A 192 -6.26 -11.86 13.59
CA ASP A 192 -5.39 -10.81 14.03
C ASP A 192 -4.27 -10.51 13.00
N ASP A 193 -3.71 -11.55 12.41
CA ASP A 193 -2.72 -11.34 11.34
C ASP A 193 -3.35 -10.55 10.17
N ALA A 194 -4.57 -10.90 9.81
CA ALA A 194 -5.28 -10.24 8.72
C ALA A 194 -5.52 -8.75 9.03
N LYS A 195 -5.88 -8.44 10.29
CA LYS A 195 -6.05 -7.06 10.68
C LYS A 195 -4.72 -6.28 10.53
N GLY A 196 -3.65 -6.91 10.99
CA GLY A 196 -2.28 -6.31 10.84
C GLY A 196 -1.98 -5.96 9.40
N LEU A 197 -2.33 -6.90 8.51
CA LEU A 197 -2.05 -6.77 7.09
C LEU A 197 -2.91 -5.74 6.36
N GLY A 198 -4.13 -5.47 6.85
CA GLY A 198 -5.06 -4.53 6.19
C GLY A 198 -6.30 -5.19 5.61
N LEU A 199 -6.50 -6.49 5.84
CA LEU A 199 -7.64 -7.20 5.22
C LEU A 199 -8.96 -7.04 6.02
N VAL A 200 -8.86 -6.82 7.33
CA VAL A 200 -10.03 -6.47 8.17
C VAL A 200 -9.69 -5.27 9.03
N ASN A 201 -10.72 -4.65 9.60
CA ASN A 201 -10.60 -3.44 10.43
C ASN A 201 -10.50 -3.78 11.92
N ARG A 202 -11.27 -4.76 12.37
CA ARG A 202 -11.43 -5.04 13.79
C ARG A 202 -11.50 -6.53 14.03
N VAL A 203 -10.92 -7.00 15.14
CA VAL A 203 -10.97 -8.39 15.56
C VAL A 203 -11.40 -8.45 17.01
N VAL A 204 -12.46 -9.22 17.25
CA VAL A 204 -13.03 -9.39 18.60
C VAL A 204 -13.33 -10.85 18.96
N ALA A 205 -13.63 -11.10 20.22
CA ALA A 205 -14.11 -12.42 20.66
C ALA A 205 -15.44 -12.74 19.98
N PRO A 206 -15.69 -14.04 19.71
CA PRO A 206 -16.94 -14.40 19.08
C PRO A 206 -18.20 -13.77 19.71
N LYS A 207 -18.29 -13.74 21.05
CA LYS A 207 -19.49 -13.23 21.76
C LYS A 207 -19.64 -11.71 21.57
N ALA A 208 -18.56 -11.03 21.18
CA ALA A 208 -18.57 -9.59 21.00
C ALA A 208 -18.79 -9.09 19.57
N LEU A 209 -18.98 -10.01 18.62
CA LEU A 209 -19.09 -9.66 17.20
C LEU A 209 -20.28 -8.74 16.91
N ASP A 210 -21.43 -9.11 17.41
CA ASP A 210 -22.62 -8.31 17.13
C ASP A 210 -22.48 -6.89 17.69
N ASP A 211 -21.94 -6.77 18.90
CA ASP A 211 -21.72 -5.47 19.51
C ASP A 211 -20.73 -4.64 18.66
N GLU A 212 -19.64 -5.25 18.21
CA GLU A 212 -18.65 -4.55 17.38
C GLU A 212 -19.21 -4.07 16.02
N ILE A 213 -19.99 -4.92 15.37
CA ILE A 213 -20.72 -4.53 14.13
C ILE A 213 -21.61 -3.31 14.40
N GLU A 214 -22.39 -3.37 15.47
CA GLU A 214 -23.34 -2.31 15.83
C GLU A 214 -22.62 -1.00 16.11
N ALA A 215 -21.46 -1.07 16.77
CA ALA A 215 -20.69 0.15 17.03
C ALA A 215 -20.31 0.81 15.70
N MET A 216 -19.86 0.03 14.73
CA MET A 216 -19.47 0.55 13.44
C MET A 216 -20.68 1.09 12.65
N VAL A 217 -21.75 0.29 12.59
CA VAL A 217 -22.98 0.71 11.90
C VAL A 217 -23.55 1.99 12.49
N SER A 218 -23.62 2.06 13.81
CA SER A 218 -24.18 3.23 14.47
C SER A 218 -23.43 4.50 14.08
N LYS A 219 -22.12 4.42 13.94
CA LYS A 219 -21.32 5.59 13.60
C LYS A 219 -21.61 6.07 12.17
N ILE A 220 -21.78 5.11 11.25
CA ILE A 220 -22.06 5.45 9.85
C ILE A 220 -23.44 6.08 9.68
N VAL A 221 -24.44 5.45 10.30
CA VAL A 221 -25.83 5.89 10.11
C VAL A 221 -26.06 7.27 10.70
N ALA A 222 -25.26 7.66 11.70
CA ALA A 222 -25.39 8.99 12.31
C ALA A 222 -25.05 10.10 11.32
N LYS A 223 -24.17 9.83 10.36
CA LYS A 223 -23.72 10.79 9.36
C LYS A 223 -24.74 10.97 8.22
N PRO A 224 -24.72 12.13 7.53
CA PRO A 224 -25.66 12.27 6.42
C PRO A 224 -25.43 11.33 5.25
N ARG A 225 -26.51 10.78 4.73
CA ARG A 225 -26.44 9.85 3.62
C ARG A 225 -25.69 10.43 2.44
N ALA A 226 -26.02 11.66 2.07
CA ALA A 226 -25.41 12.32 0.92
C ALA A 226 -23.89 12.34 0.94
N ALA A 227 -23.34 12.66 2.10
CA ALA A 227 -21.89 12.79 2.26
C ALA A 227 -21.24 11.42 2.15
N VAL A 228 -21.86 10.44 2.81
CA VAL A 228 -21.35 9.07 2.76
C VAL A 228 -21.37 8.54 1.33
N ALA A 229 -22.48 8.73 0.60
CA ALA A 229 -22.58 8.24 -0.76
C ALA A 229 -21.57 8.86 -1.73
N MET A 230 -21.47 10.20 -1.70
CA MET A 230 -20.60 10.99 -2.58
C MET A 230 -19.16 10.58 -2.25
N GLY A 231 -18.92 10.43 -0.97
CA GLY A 231 -17.56 10.13 -0.47
C GLY A 231 -17.07 8.75 -0.83
N LYS A 232 -17.91 7.74 -0.65
CA LYS A 232 -17.51 6.39 -1.04
C LYS A 232 -17.19 6.34 -2.55
N ALA A 233 -18.06 6.89 -3.38
CA ALA A 233 -17.86 6.87 -4.83
C ALA A 233 -16.53 7.55 -5.21
N LEU A 234 -16.30 8.73 -4.67
CA LEU A 234 -15.05 9.47 -4.92
C LEU A 234 -13.85 8.64 -4.45
N PHE A 235 -13.94 8.08 -3.26
CA PHE A 235 -12.83 7.27 -2.70
C PHE A 235 -12.28 6.28 -3.69
N TYR A 236 -13.12 5.46 -4.31
CA TYR A 236 -12.64 4.46 -5.20
C TYR A 236 -12.26 4.99 -6.58
N ARG A 237 -12.83 6.11 -7.04
CA ARG A 237 -12.34 6.73 -8.29
C ARG A 237 -10.91 7.25 -8.11
N GLN A 238 -10.70 7.95 -7.01
CA GLN A 238 -9.48 8.75 -6.89
C GLN A 238 -8.30 7.85 -6.60
N ILE A 239 -8.55 6.72 -5.93
CA ILE A 239 -7.43 5.88 -5.49
C ILE A 239 -6.73 5.21 -6.69
N GLU A 240 -7.43 5.17 -7.82
CA GLU A 240 -7.00 4.51 -9.05
C GLU A 240 -6.35 5.41 -10.08
N THR A 241 -6.14 6.68 -9.74
CA THR A 241 -5.55 7.57 -10.72
C THR A 241 -4.38 8.34 -10.07
N ASP A 242 -3.78 9.23 -10.83
CA ASP A 242 -2.66 10.01 -10.34
C ASP A 242 -3.16 11.08 -9.38
N ILE A 243 -2.24 11.56 -8.52
CA ILE A 243 -2.66 12.43 -7.41
C ILE A 243 -3.27 13.76 -7.88
N GLU A 244 -2.77 14.35 -8.96
CA GLU A 244 -3.32 15.62 -9.46
C GLU A 244 -4.74 15.42 -9.97
N SER A 245 -4.95 14.39 -10.78
CA SER A 245 -6.30 14.04 -11.28
C SER A 245 -7.21 13.72 -10.11
N ALA A 246 -6.71 12.98 -9.12
CA ALA A 246 -7.48 12.63 -7.93
C ALA A 246 -7.98 13.89 -7.23
N TYR A 247 -7.11 14.87 -7.04
CA TYR A 247 -7.48 16.09 -6.35
C TYR A 247 -8.51 16.89 -7.13
N ALA A 248 -8.44 16.86 -8.45
CA ALA A 248 -9.41 17.62 -9.26
C ALA A 248 -10.81 17.03 -9.03
N ASP A 249 -10.89 15.71 -9.08
CA ASP A 249 -12.19 15.02 -8.88
C ASP A 249 -12.64 15.25 -7.43
N ALA A 250 -11.72 15.12 -6.47
CA ALA A 250 -12.06 15.28 -5.05
C ALA A 250 -12.57 16.69 -4.70
N GLY A 251 -11.98 17.71 -5.31
CA GLY A 251 -12.35 19.08 -5.08
C GLY A 251 -13.72 19.37 -5.59
N THR A 252 -14.00 18.90 -6.80
CA THR A 252 -15.33 19.07 -7.40
CA THR A 252 -15.34 19.14 -7.36
C THR A 252 -16.39 18.37 -6.57
N THR A 253 -16.07 17.16 -6.18
CA THR A 253 -16.98 16.37 -5.34
C THR A 253 -17.22 17.06 -4.00
N MET A 254 -16.16 17.56 -3.36
CA MET A 254 -16.28 18.19 -2.04
C MET A 254 -17.08 19.52 -2.13
N ALA A 255 -16.92 20.23 -3.23
CA ALA A 255 -17.66 21.48 -3.44
C ALA A 255 -19.14 21.16 -3.59
N CYS A 256 -19.46 20.09 -4.30
CA CYS A 256 -20.84 19.65 -4.44
CA CYS A 256 -20.86 19.66 -4.43
C CYS A 256 -21.40 19.26 -3.07
N ASN A 257 -20.63 18.47 -2.33
CA ASN A 257 -21.03 18.00 -0.99
C ASN A 257 -21.30 19.20 -0.06
N MET A 258 -20.46 20.22 -0.16
CA MET A 258 -20.62 21.41 0.73
C MET A 258 -21.94 22.15 0.47
N MET A 259 -22.45 22.04 -0.75
CA MET A 259 -23.72 22.72 -1.10
C MET A 259 -24.93 21.87 -0.70
N ASP A 260 -24.71 20.63 -0.28
CA ASP A 260 -25.79 19.77 0.22
C ASP A 260 -26.31 20.35 1.54
N PRO A 261 -27.63 20.33 1.75
CA PRO A 261 -28.22 20.91 2.97
C PRO A 261 -27.65 20.39 4.29
N SER A 262 -27.28 19.11 4.34
CA SER A 262 -26.72 18.55 5.57
C SER A 262 -25.29 19.05 5.87
N ALA A 263 -24.52 19.38 4.83
CA ALA A 263 -23.21 20.02 5.03
C ALA A 263 -23.38 21.44 5.53
N LEU A 264 -24.30 22.18 4.91
CA LEU A 264 -24.57 23.58 5.32
C LEU A 264 -25.04 23.63 6.79
N GLU A 265 -25.97 22.74 7.13
CA GLU A 265 -26.44 22.58 8.50
C GLU A 265 -25.38 22.03 9.45
N GLY A 266 -24.59 21.06 9.00
CA GLY A 266 -23.59 20.49 9.90
C GLY A 266 -22.50 21.50 10.29
N VAL A 267 -22.11 22.33 9.33
CA VAL A 267 -21.13 23.38 9.58
C VAL A 267 -21.75 24.49 10.45
N SER A 268 -22.97 24.92 10.15
CA SER A 268 -23.63 25.90 11.00
C SER A 268 -23.75 25.41 12.44
N ALA A 269 -24.11 24.14 12.60
CA ALA A 269 -24.23 23.53 13.93
C ALA A 269 -22.92 23.56 14.71
N PHE A 270 -21.82 23.17 14.07
CA PHE A 270 -20.51 23.31 14.69
C PHE A 270 -20.26 24.75 15.18
N LEU A 271 -20.51 25.72 14.31
CA LEU A 271 -20.24 27.13 14.62
C LEU A 271 -21.10 27.65 15.75
N GLU A 272 -22.33 27.13 15.86
CA GLU A 272 -23.29 27.55 16.91
C GLU A 272 -23.26 26.64 18.15
N LYS A 273 -22.27 25.74 18.20
CA LYS A 273 -22.01 24.86 19.34
C LYS A 273 -23.22 24.03 19.75
N ARG A 274 -23.78 23.35 18.76
CA ARG A 274 -24.98 22.52 18.96
C ARG A 274 -24.92 21.28 18.07
N ARG A 275 -25.84 20.34 18.30
CA ARG A 275 -25.91 19.14 17.47
C ARG A 275 -26.56 19.49 16.13
N PRO A 276 -26.06 18.89 15.03
CA PRO A 276 -26.64 19.13 13.73
C PRO A 276 -28.02 18.44 13.61
N GLU A 277 -28.93 19.14 12.96
CA GLU A 277 -30.29 18.64 12.76
C GLU A 277 -30.35 17.91 11.44
N TRP A 278 -29.80 16.70 11.46
CA TRP A 278 -29.71 15.89 10.25
C TRP A 278 -30.85 14.89 10.09
N HIS A 279 -31.65 14.68 11.15
CA HIS A 279 -32.73 13.69 11.15
C HIS A 279 -32.24 12.30 10.76
N THR A 280 -31.07 11.95 11.27
CA THR A 280 -30.50 10.61 11.10
C THR A 280 -30.56 9.82 12.40
N PRO A 281 -30.54 8.46 12.33
CA PRO A 281 -30.62 7.66 13.56
C PRO A 281 -29.44 7.91 14.51
N GLN A 282 -29.73 7.99 15.82
CA GLN A 282 -28.71 8.41 16.81
C GLN A 282 -28.38 7.41 17.91
N GLU B 24 0.23 39.67 14.74
CA GLU B 24 1.30 38.75 14.24
C GLU B 24 0.96 38.18 12.87
N PRO B 25 1.99 37.88 12.05
CA PRO B 25 1.72 37.29 10.74
C PRO B 25 1.06 35.92 10.85
N LEU B 26 0.26 35.56 9.84
CA LEU B 26 -0.44 34.27 9.80
C LEU B 26 0.51 33.08 9.73
N LEU B 27 1.68 33.32 9.13
CA LEU B 27 2.69 32.30 8.92
C LEU B 27 4.06 32.88 9.27
N LEU B 28 4.72 32.29 10.25
CA LEU B 28 6.07 32.71 10.62
C LEU B 28 7.04 31.94 9.72
N GLN B 29 8.15 32.57 9.41
CA GLN B 29 9.16 31.97 8.55
C GLN B 29 10.51 32.31 9.12
N ASP B 30 11.27 31.26 9.48
CA ASP B 30 12.60 31.40 10.07
C ASP B 30 13.55 30.52 9.32
N ARG B 31 14.82 30.91 9.24
CA ARG B 31 15.81 30.15 8.50
C ARG B 31 17.10 30.12 9.28
N ASP B 32 17.73 28.95 9.40
CA ASP B 32 19.04 28.85 10.08
C ASP B 32 20.15 28.92 9.06
N GLU B 33 21.39 28.74 9.52
CA GLU B 33 22.54 28.87 8.64
C GLU B 33 22.76 27.70 7.70
N ARG B 34 21.98 26.63 7.89
CA ARG B 34 22.09 25.39 7.11
C ARG B 34 21.14 25.37 5.93
N GLY B 35 20.34 26.42 5.77
CA GLY B 35 19.27 26.34 4.75
C GLY B 35 18.05 25.56 5.20
N VAL B 36 17.88 25.40 6.50
CA VAL B 36 16.67 24.77 7.06
C VAL B 36 15.67 25.88 7.39
N VAL B 37 14.52 25.82 6.74
CA VAL B 37 13.48 26.83 6.91
C VAL B 37 12.35 26.23 7.73
N THR B 38 11.96 26.90 8.79
CA THR B 38 10.81 26.53 9.59
C THR B 38 9.66 27.46 9.25
N LEU B 39 8.58 26.90 8.72
CA LEU B 39 7.32 27.61 8.51
C LEU B 39 6.38 27.26 9.65
N THR B 40 5.92 28.26 10.38
CA THR B 40 5.03 28.03 11.53
C THR B 40 3.62 28.59 11.29
N LEU B 41 2.65 27.68 11.15
CA LEU B 41 1.23 28.10 11.13
C LEU B 41 0.97 28.90 12.40
N ASN B 42 0.39 30.09 12.25
CA ASN B 42 0.31 31.06 13.36
C ASN B 42 -1.05 31.72 13.53
N ARG B 43 -2.10 30.89 13.61
CA ARG B 43 -3.42 31.32 14.08
C ARG B 43 -3.80 30.44 15.26
N PRO B 44 -3.08 30.55 16.38
CA PRO B 44 -3.21 29.57 17.45
C PRO B 44 -4.62 29.42 18.04
N GLN B 45 -5.35 30.52 18.19
CA GLN B 45 -6.68 30.43 18.75
C GLN B 45 -7.70 29.80 17.78
N ALA B 46 -7.43 29.94 16.48
CA ALA B 46 -8.22 29.32 15.42
C ALA B 46 -7.70 27.94 15.03
N PHE B 47 -6.83 27.41 15.86
CA PHE B 47 -6.23 26.09 15.62
C PHE B 47 -5.63 26.01 14.22
N ASN B 48 -5.03 27.12 13.79
CA ASN B 48 -4.23 27.20 12.58
C ASN B 48 -5.03 26.84 11.33
N ALA B 49 -6.32 27.18 11.35
CA ALA B 49 -7.16 26.79 10.24
C ALA B 49 -6.69 27.45 8.96
N LEU B 50 -6.89 26.72 7.87
CA LEU B 50 -6.46 27.12 6.53
C LEU B 50 -7.49 28.04 5.88
N SER B 51 -7.60 29.25 6.43
CA SER B 51 -8.34 30.34 5.79
C SER B 51 -7.73 30.69 4.43
N GLU B 52 -8.44 31.48 3.66
CA GLU B 52 -7.93 31.97 2.39
CA GLU B 52 -7.94 31.98 2.38
C GLU B 52 -6.58 32.67 2.57
N ALA B 53 -6.47 33.50 3.61
CA ALA B 53 -5.24 34.23 3.85
C ALA B 53 -4.11 33.29 4.26
N MET B 54 -4.42 32.31 5.09
CA MET B 54 -3.41 31.29 5.46
C MET B 54 -2.91 30.54 4.23
N LEU B 55 -3.84 30.07 3.41
CA LEU B 55 -3.47 29.39 2.15
C LEU B 55 -2.65 30.27 1.22
N ALA B 56 -2.98 31.57 1.11
CA ALA B 56 -2.21 32.48 0.29
C ALA B 56 -0.80 32.62 0.82
N ALA B 57 -0.67 32.65 2.16
CA ALA B 57 0.66 32.80 2.78
C ALA B 57 1.53 31.55 2.56
N LEU B 58 0.93 30.37 2.69
CA LEU B 58 1.60 29.11 2.42
C LEU B 58 2.01 29.03 0.96
N GLY B 59 1.12 29.41 0.05
CA GLY B 59 1.44 29.35 -1.36
C GLY B 59 2.59 30.26 -1.72
N GLU B 60 2.57 31.47 -1.17
CA GLU B 60 3.66 32.41 -1.40
C GLU B 60 4.96 31.85 -0.89
N ALA B 61 4.94 31.29 0.32
CA ALA B 61 6.20 30.80 0.93
C ALA B 61 6.76 29.62 0.15
N PHE B 62 5.92 28.65 -0.20
CA PHE B 62 6.41 27.49 -0.95
C PHE B 62 6.86 27.92 -2.36
N GLY B 63 6.19 28.89 -2.97
CA GLY B 63 6.61 29.42 -4.27
C GLY B 63 7.98 30.06 -4.26
N THR B 64 8.26 30.87 -3.25
CA THR B 64 9.57 31.51 -3.11
C THR B 64 10.64 30.46 -2.80
N LEU B 65 10.33 29.54 -1.91
CA LEU B 65 11.28 28.52 -1.50
C LEU B 65 11.69 27.61 -2.66
N ALA B 66 10.74 27.35 -3.56
CA ALA B 66 11.00 26.43 -4.68
C ALA B 66 12.04 26.96 -5.64
N GLU B 67 12.20 28.28 -5.65
CA GLU B 67 13.14 28.95 -6.54
C GLU B 67 14.55 29.04 -5.97
N ASP B 68 14.72 28.67 -4.71
CA ASP B 68 15.99 28.83 -3.98
C ASP B 68 16.68 27.51 -3.76
N GLU B 69 17.73 27.25 -4.56
CA GLU B 69 18.43 25.96 -4.50
C GLU B 69 19.21 25.78 -3.19
N SER B 70 19.38 26.83 -2.41
CA SER B 70 20.07 26.72 -1.12
C SER B 70 19.23 26.17 0.02
N VAL B 71 17.91 26.08 -0.18
CA VAL B 71 17.06 25.51 0.84
C VAL B 71 17.28 24.00 0.86
N ARG B 72 17.55 23.49 2.05
CA ARG B 72 17.88 22.05 2.28
C ARG B 72 16.72 21.27 2.90
N ALA B 73 15.85 21.92 3.67
CA ALA B 73 14.74 21.23 4.28
C ALA B 73 13.76 22.24 4.81
N VAL B 74 12.50 21.87 4.94
CA VAL B 74 11.47 22.74 5.52
C VAL B 74 10.81 21.95 6.61
N VAL B 75 10.68 22.54 7.78
CA VAL B 75 9.93 22.02 8.89
C VAL B 75 8.60 22.80 8.94
N LEU B 76 7.48 22.08 8.86
CA LEU B 76 6.15 22.67 8.93
C LEU B 76 5.65 22.50 10.36
N ALA B 77 5.72 23.61 11.13
CA ALA B 77 5.36 23.63 12.53
C ALA B 77 4.08 24.43 12.72
N ALA B 78 3.63 24.51 13.98
CA ALA B 78 2.32 25.12 14.26
C ALA B 78 2.28 25.65 15.67
N SER B 79 1.65 26.83 15.79
CA SER B 79 1.45 27.56 17.04
CA SER B 79 1.48 27.53 17.06
C SER B 79 0.27 27.04 17.88
N GLY B 80 0.31 27.31 19.19
CA GLY B 80 -0.83 27.01 20.05
C GLY B 80 -1.03 25.52 20.33
N LYS B 81 -2.25 25.13 20.70
CA LYS B 81 -2.50 23.78 21.17
C LYS B 81 -2.60 22.73 20.05
N ALA B 82 -3.04 23.16 18.86
CA ALA B 82 -3.35 22.25 17.74
C ALA B 82 -2.28 22.35 16.67
N PHE B 83 -2.10 21.30 15.87
CA PHE B 83 -1.36 21.41 14.65
C PHE B 83 -2.20 22.16 13.60
N CYS B 84 -3.34 21.61 13.22
CA CYS B 84 -4.18 22.26 12.21
C CYS B 84 -5.54 21.61 12.16
N ALA B 85 -6.58 22.42 12.33
CA ALA B 85 -7.96 21.94 12.36
C ALA B 85 -8.55 21.74 10.98
N GLY B 86 -7.88 22.19 9.93
CA GLY B 86 -8.35 22.05 8.56
C GLY B 86 -8.80 23.37 8.00
N HIS B 87 -9.72 23.32 7.04
CA HIS B 87 -10.31 24.51 6.47
C HIS B 87 -10.98 25.36 7.58
N ASP B 88 -11.08 26.66 7.32
CA ASP B 88 -11.72 27.58 8.25
C ASP B 88 -13.23 27.57 8.04
N LEU B 89 -13.95 26.90 8.94
CA LEU B 89 -15.36 26.63 8.76
C LEU B 89 -16.17 27.94 8.83
N LYS B 90 -15.79 28.84 9.72
CA LYS B 90 -16.50 30.13 9.82
C LYS B 90 -16.43 30.89 8.50
N GLU B 91 -15.23 31.02 7.95
CA GLU B 91 -15.03 31.70 6.69
C GLU B 91 -15.76 31.03 5.53
N MET B 92 -15.64 29.71 5.43
CA MET B 92 -16.26 28.90 4.36
CA MET B 92 -16.21 29.05 4.28
C MET B 92 -17.75 29.01 4.32
N ARG B 93 -18.35 29.00 5.51
CA ARG B 93 -19.78 28.95 5.61
C ARG B 93 -20.46 30.29 5.29
N ALA B 94 -19.68 31.37 5.28
CA ALA B 94 -20.26 32.72 5.22
C ALA B 94 -21.03 33.01 3.93
N GLU B 95 -20.45 32.66 2.79
CA GLU B 95 -21.10 32.95 1.50
C GLU B 95 -20.96 31.70 0.62
N PRO B 96 -21.88 30.74 0.79
CA PRO B 96 -21.79 29.49 0.07
C PRO B 96 -22.15 29.58 -1.41
N SER B 97 -21.30 29.01 -2.24
CA SER B 97 -21.61 28.78 -3.63
C SER B 97 -20.69 27.67 -4.10
N ARG B 98 -21.17 26.95 -5.10
CA ARG B 98 -20.41 25.84 -5.64
C ARG B 98 -19.08 26.33 -6.18
N GLU B 99 -19.15 27.41 -6.96
CA GLU B 99 -18.00 28.05 -7.59
C GLU B 99 -16.96 28.45 -6.54
N TYR B 100 -17.40 29.04 -5.42
CA TYR B 100 -16.46 29.44 -4.35
C TYR B 100 -15.76 28.23 -3.75
N TYR B 101 -16.52 27.20 -3.42
CA TYR B 101 -15.90 26.00 -2.83
C TYR B 101 -14.93 25.34 -3.80
N GLU B 102 -15.30 25.23 -5.08
CA GLU B 102 -14.36 24.63 -6.06
CA GLU B 102 -14.39 24.70 -6.13
C GLU B 102 -13.03 25.40 -6.10
N LYS B 103 -13.10 26.73 -6.09
CA LYS B 103 -11.90 27.55 -6.16
C LYS B 103 -11.09 27.45 -4.86
N LEU B 104 -11.78 27.44 -3.73
CA LEU B 104 -11.11 27.33 -2.41
C LEU B 104 -10.37 25.99 -2.26
N PHE B 105 -11.04 24.92 -2.61
CA PHE B 105 -10.43 23.61 -2.55
C PHE B 105 -9.30 23.47 -3.58
N ALA B 106 -9.43 24.07 -4.76
CA ALA B 106 -8.32 24.06 -5.72
C ALA B 106 -7.11 24.85 -5.19
N ARG B 107 -7.36 25.96 -4.50
CA ARG B 107 -6.24 26.71 -3.86
C ARG B 107 -5.53 25.88 -2.76
N CYS B 108 -6.31 25.15 -1.98
CA CYS B 108 -5.74 24.20 -1.03
C CYS B 108 -4.92 23.14 -1.75
N THR B 109 -5.48 22.53 -2.79
CA THR B 109 -4.75 21.52 -3.55
C THR B 109 -3.44 22.10 -4.10
N ASP B 110 -3.45 23.35 -4.58
CA ASP B 110 -2.22 23.97 -5.14
C ASP B 110 -1.15 24.04 -4.06
N VAL B 111 -1.50 24.39 -2.83
CA VAL B 111 -0.56 24.38 -1.73
C VAL B 111 -0.04 22.97 -1.44
N MET B 112 -0.95 22.00 -1.38
CA MET B 112 -0.58 20.61 -1.06
C MET B 112 0.42 20.08 -2.10
N LEU B 113 0.13 20.34 -3.38
CA LEU B 113 1.02 19.90 -4.47
C LEU B 113 2.33 20.69 -4.46
N ALA B 114 2.28 21.93 -4.00
CA ALA B 114 3.52 22.71 -3.89
C ALA B 114 4.47 22.07 -2.87
N ILE B 115 3.90 21.55 -1.80
CA ILE B 115 4.68 20.80 -0.79
C ILE B 115 5.36 19.61 -1.43
N GLN B 116 4.60 18.79 -2.14
CA GLN B 116 5.12 17.57 -2.74
C GLN B 116 6.10 17.84 -3.86
N ARG B 117 5.99 18.99 -4.52
CA ARG B 117 6.90 19.38 -5.62
C ARG B 117 8.09 20.23 -5.18
N LEU B 118 8.15 20.63 -3.91
CA LEU B 118 9.27 21.46 -3.44
C LEU B 118 10.57 20.63 -3.58
N PRO B 119 11.66 21.22 -4.10
CA PRO B 119 12.93 20.47 -4.22
C PRO B 119 13.74 20.31 -2.94
N ALA B 120 13.07 20.34 -1.80
CA ALA B 120 13.64 19.98 -0.51
C ALA B 120 12.58 19.18 0.25
N PRO B 121 13.02 18.24 1.11
CA PRO B 121 12.05 17.52 1.95
C PRO B 121 11.29 18.47 2.86
N VAL B 122 10.03 18.14 3.12
CA VAL B 122 9.13 18.89 4.01
C VAL B 122 8.71 17.94 5.13
N ILE B 123 9.01 18.30 6.36
CA ILE B 123 8.77 17.50 7.56
C ILE B 123 7.68 18.16 8.38
N ALA B 124 6.58 17.45 8.64
CA ALA B 124 5.51 17.97 9.51
C ALA B 124 5.90 17.72 10.96
N ARG B 125 5.82 18.78 11.79
CA ARG B 125 6.10 18.71 13.24
C ARG B 125 4.74 18.78 13.96
N VAL B 126 4.18 17.61 14.28
CA VAL B 126 2.81 17.51 14.73
C VAL B 126 2.72 17.37 16.24
N HIS B 127 2.36 18.46 16.94
CA HIS B 127 2.41 18.46 18.43
C HIS B 127 1.01 18.42 19.08
N GLY B 128 -0.04 18.42 18.24
CA GLY B 128 -1.42 18.45 18.68
C GLY B 128 -2.32 17.95 17.56
N ILE B 129 -3.60 18.20 17.67
CA ILE B 129 -4.53 17.62 16.70
C ILE B 129 -4.29 18.05 15.25
N ALA B 130 -4.49 17.09 14.34
CA ALA B 130 -4.46 17.33 12.92
C ALA B 130 -5.72 16.73 12.36
N THR B 131 -6.65 17.60 11.98
CA THR B 131 -7.95 17.14 11.50
C THR B 131 -8.27 17.70 10.11
N ALA B 132 -8.91 16.83 9.30
CA ALA B 132 -9.47 17.19 7.98
C ALA B 132 -8.33 17.69 7.09
N ALA B 133 -8.37 18.90 6.55
CA ALA B 133 -7.26 19.38 5.72
C ALA B 133 -5.94 19.47 6.53
N GLY B 134 -6.00 19.52 7.87
CA GLY B 134 -4.80 19.43 8.70
C GLY B 134 -4.18 18.07 8.69
N CYS B 135 -4.98 17.04 8.71
CA CYS B 135 -4.46 15.66 8.50
C CYS B 135 -3.95 15.50 7.09
N GLN B 136 -4.60 16.11 6.10
CA GLN B 136 -4.11 16.13 4.72
C GLN B 136 -2.71 16.72 4.65
N LEU B 137 -2.45 17.81 5.38
CA LEU B 137 -1.15 18.45 5.40
C LEU B 137 -0.09 17.43 5.83
N VAL B 138 -0.35 16.73 6.92
CA VAL B 138 0.58 15.74 7.42
C VAL B 138 0.85 14.67 6.36
N ALA B 139 -0.20 14.17 5.75
CA ALA B 139 -0.08 13.11 4.75
C ALA B 139 0.67 13.57 3.47
N MET B 140 0.60 14.88 3.17
CA MET B 140 1.26 15.46 1.99
C MET B 140 2.73 15.76 2.26
N CYS B 141 3.10 16.04 3.50
CA CYS B 141 4.53 16.24 3.83
C CYS B 141 5.26 14.94 3.55
N ASP B 142 6.53 15.05 3.17
CA ASP B 142 7.33 13.89 2.85
C ASP B 142 7.55 13.01 4.07
N LEU B 143 7.71 13.61 5.25
CA LEU B 143 8.03 12.98 6.52
C LEU B 143 7.21 13.65 7.63
N ALA B 144 7.03 12.98 8.77
CA ALA B 144 6.34 13.60 9.89
C ALA B 144 6.80 13.01 11.18
N VAL B 145 6.96 13.87 12.17
CA VAL B 145 7.24 13.47 13.56
C VAL B 145 6.11 13.97 14.42
N ALA B 146 5.51 13.10 15.21
CA ALA B 146 4.35 13.47 16.04
C ALA B 146 4.68 13.26 17.50
N THR B 147 4.02 14.01 18.38
CA THR B 147 4.05 13.75 19.80
C THR B 147 3.01 12.67 20.16
N ARG B 148 3.25 12.01 21.28
CA ARG B 148 2.53 10.83 21.60
C ARG B 148 1.09 11.18 21.89
N ASP B 149 0.79 12.43 22.24
CA ASP B 149 -0.58 12.85 22.41
C ASP B 149 -1.25 13.50 21.17
N ALA B 150 -0.53 13.79 20.08
CA ALA B 150 -1.14 14.27 18.81
C ALA B 150 -2.15 13.25 18.38
N ARG B 151 -3.26 13.70 17.83
CA ARG B 151 -4.29 12.80 17.31
C ARG B 151 -4.67 13.23 15.92
N PHE B 152 -5.08 12.24 15.11
CA PHE B 152 -5.30 12.45 13.67
C PHE B 152 -6.71 12.02 13.30
N ALA B 153 -7.40 12.87 12.56
CA ALA B 153 -8.70 12.46 12.03
C ALA B 153 -8.99 13.14 10.71
N VAL B 154 -9.83 12.48 9.91
CA VAL B 154 -10.41 13.11 8.73
C VAL B 154 -11.89 13.32 9.06
N SER B 155 -12.12 14.37 9.85
CA SER B 155 -13.39 14.53 10.57
C SER B 155 -14.40 15.46 9.93
N GLY B 156 -14.20 15.79 8.66
CA GLY B 156 -15.16 16.58 7.91
C GLY B 156 -16.54 15.98 7.98
N ILE B 157 -16.63 14.66 8.02
CA ILE B 157 -17.93 13.98 8.02
C ILE B 157 -18.75 14.35 9.27
N ASN B 158 -18.10 14.70 10.37
CA ASN B 158 -18.81 15.18 11.57
C ASN B 158 -19.50 16.54 11.37
N VAL B 159 -19.18 17.26 10.31
CA VAL B 159 -19.96 18.49 9.94
C VAL B 159 -20.68 18.29 8.59
N GLY B 160 -20.79 17.03 8.18
CA GLY B 160 -21.55 16.67 7.00
C GLY B 160 -20.82 16.79 5.67
N LEU B 161 -19.50 16.97 5.74
CA LEU B 161 -18.64 17.21 4.58
C LEU B 161 -17.60 16.10 4.57
N PHE B 162 -17.85 15.05 3.79
CA PHE B 162 -16.87 13.96 3.66
C PHE B 162 -15.53 14.56 3.25
N CYS B 163 -14.47 14.07 3.90
CA CYS B 163 -13.10 14.54 3.64
C CYS B 163 -12.57 13.99 2.31
N SER B 164 -13.15 14.43 1.20
CA SER B 164 -12.78 13.92 -0.12
C SER B 164 -11.34 14.31 -0.46
N THR B 165 -11.00 15.58 -0.31
CA THR B 165 -9.61 15.99 -0.62
C THR B 165 -8.58 15.43 0.41
N PRO B 166 -8.88 15.46 1.72
CA PRO B 166 -7.96 14.79 2.65
C PRO B 166 -7.77 13.32 2.40
N GLY B 167 -8.82 12.68 1.92
CA GLY B 167 -8.75 11.25 1.65
C GLY B 167 -7.80 10.93 0.49
N VAL B 168 -7.66 11.84 -0.46
CA VAL B 168 -6.66 11.68 -1.55
C VAL B 168 -5.27 11.46 -0.93
N ALA B 169 -4.90 12.33 0.00
CA ALA B 169 -3.60 12.23 0.64
C ALA B 169 -3.53 11.03 1.60
N LEU B 170 -4.55 10.86 2.42
CA LEU B 170 -4.55 9.80 3.43
C LEU B 170 -4.43 8.43 2.76
N SER B 171 -5.16 8.22 1.65
CA SER B 171 -5.16 6.91 0.98
C SER B 171 -3.85 6.62 0.27
N ARG B 172 -2.93 7.60 0.23
CA ARG B 172 -1.58 7.37 -0.28
C ARG B 172 -0.56 7.28 0.88
N ASN B 173 -1.01 7.24 2.11
CA ASN B 173 -0.19 6.95 3.28
C ASN B 173 -0.64 5.71 4.08
N VAL B 174 -1.93 5.32 4.01
CA VAL B 174 -2.46 4.22 4.81
C VAL B 174 -3.28 3.29 3.93
N GLY B 175 -3.49 2.08 4.42
CA GLY B 175 -4.29 1.09 3.73
C GLY B 175 -5.72 1.45 3.45
N ARG B 176 -6.33 0.77 2.46
CA ARG B 176 -7.67 1.13 2.00
C ARG B 176 -8.70 1.05 3.11
N LYS B 177 -8.74 -0.07 3.81
CA LYS B 177 -9.79 -0.24 4.84
C LYS B 177 -9.59 0.72 6.02
N ALA B 178 -8.34 0.96 6.42
CA ALA B 178 -8.04 1.92 7.47
C ALA B 178 -8.50 3.33 7.05
N ALA B 179 -8.16 3.73 5.83
CA ALA B 179 -8.56 5.05 5.31
C ALA B 179 -10.09 5.17 5.24
N PHE B 180 -10.76 4.17 4.68
CA PHE B 180 -12.21 4.23 4.55
C PHE B 180 -12.84 4.39 5.93
N GLU B 181 -12.40 3.62 6.91
CA GLU B 181 -12.94 3.69 8.27
C GLU B 181 -12.74 5.09 8.89
N MET B 182 -11.57 5.66 8.72
CA MET B 182 -11.31 7.02 9.21
C MET B 182 -12.25 8.02 8.55
N LEU B 183 -12.44 7.88 7.25
CA LEU B 183 -13.23 8.82 6.48
C LEU B 183 -14.71 8.75 6.79
N VAL B 184 -15.26 7.56 6.94
CA VAL B 184 -16.71 7.45 7.15
CA VAL B 184 -16.72 7.47 7.15
C VAL B 184 -17.12 7.67 8.61
N THR B 185 -16.21 7.43 9.56
CA THR B 185 -16.54 7.61 10.98
C THR B 185 -16.06 8.96 11.57
N GLY B 186 -14.99 9.53 10.98
CA GLY B 186 -14.46 10.77 11.51
C GLY B 186 -13.70 10.66 12.81
N GLU B 187 -13.45 9.44 13.31
CA GLU B 187 -12.87 9.26 14.64
CA GLU B 187 -12.87 9.24 14.64
C GLU B 187 -11.36 9.49 14.63
N PHE B 188 -10.88 9.94 15.79
CA PHE B 188 -9.44 10.13 15.99
C PHE B 188 -8.69 8.80 15.97
N VAL B 189 -7.46 8.87 15.47
CA VAL B 189 -6.47 7.80 15.57
C VAL B 189 -5.27 8.35 16.38
N SER B 190 -4.73 7.54 17.28
CA SER B 190 -3.60 7.95 18.10
C SER B 190 -2.33 8.09 17.26
N ALA B 191 -1.32 8.76 17.83
CA ALA B 191 -0.06 8.97 17.13
C ALA B 191 0.62 7.63 16.89
N ASP B 192 0.62 6.78 17.91
CA ASP B 192 1.25 5.44 17.75
C ASP B 192 0.52 4.65 16.65
N ASP B 193 -0.80 4.74 16.65
CA ASP B 193 -1.54 4.05 15.60
C ASP B 193 -1.27 4.66 14.23
N ALA B 194 -1.16 5.97 14.14
CA ALA B 194 -0.86 6.63 12.88
C ALA B 194 0.50 6.19 12.33
N LYS B 195 1.49 6.02 13.22
CA LYS B 195 2.79 5.54 12.79
CA LYS B 195 2.79 5.54 12.78
C LYS B 195 2.67 4.13 12.23
N GLY B 196 1.96 3.29 12.98
CA GLY B 196 1.73 1.93 12.46
C GLY B 196 1.08 1.88 11.09
N LEU B 197 0.16 2.79 10.85
CA LEU B 197 -0.58 2.84 9.58
C LEU B 197 0.24 3.38 8.41
N GLY B 198 1.27 4.19 8.73
CA GLY B 198 2.08 4.86 7.72
C GLY B 198 1.88 6.37 7.58
N LEU B 199 1.08 6.98 8.44
CA LEU B 199 0.78 8.41 8.34
C LEU B 199 1.86 9.33 8.94
N VAL B 200 2.61 8.82 9.91
CA VAL B 200 3.81 9.53 10.44
C VAL B 200 5.00 8.59 10.51
N ASN B 201 6.20 9.15 10.63
CA ASN B 201 7.43 8.35 10.73
C ASN B 201 7.85 8.00 12.13
N ARG B 202 7.67 8.95 13.06
CA ARG B 202 8.22 8.84 14.42
C ARG B 202 7.23 9.43 15.41
N VAL B 203 7.15 8.82 16.58
CA VAL B 203 6.31 9.30 17.70
C VAL B 203 7.19 9.39 18.93
N VAL B 204 7.18 10.58 19.55
CA VAL B 204 7.99 10.89 20.75
C VAL B 204 7.22 11.68 21.79
N ALA B 205 7.74 11.74 23.02
CA ALA B 205 7.18 12.61 24.06
C ALA B 205 7.26 14.08 23.63
N PRO B 206 6.26 14.88 24.07
CA PRO B 206 6.29 16.31 23.72
C PRO B 206 7.61 16.97 24.00
N LYS B 207 8.24 16.65 25.14
CA LYS B 207 9.55 17.25 25.47
C LYS B 207 10.72 16.82 24.54
N ALA B 208 10.51 15.73 23.78
CA ALA B 208 11.52 15.19 22.90
C ALA B 208 11.34 15.62 21.43
N LEU B 209 10.28 16.36 21.15
CA LEU B 209 9.87 16.69 19.79
C LEU B 209 10.95 17.46 19.03
N ASP B 210 11.46 18.55 19.63
CA ASP B 210 12.49 19.37 18.98
C ASP B 210 13.76 18.53 18.68
N ASP B 211 14.15 17.68 19.62
CA ASP B 211 15.33 16.83 19.45
C ASP B 211 15.11 15.81 18.30
N GLU B 212 13.91 15.25 18.20
CA GLU B 212 13.59 14.27 17.14
C GLU B 212 13.58 14.92 15.75
N ILE B 213 13.00 16.11 15.65
CA ILE B 213 13.01 16.90 14.41
C ILE B 213 14.45 17.21 14.00
N GLU B 214 15.25 17.63 14.97
CA GLU B 214 16.66 17.93 14.66
C GLU B 214 17.42 16.70 14.23
N ALA B 215 17.17 15.55 14.85
CA ALA B 215 17.84 14.32 14.42
C ALA B 215 17.57 14.06 12.95
N MET B 216 16.34 14.25 12.51
CA MET B 216 15.97 14.00 11.13
C MET B 216 16.56 15.03 10.15
N VAL B 217 16.42 16.31 10.50
CA VAL B 217 16.94 17.42 9.69
C VAL B 217 18.42 17.29 9.52
N SER B 218 19.14 17.00 10.60
CA SER B 218 20.60 16.92 10.48
C SER B 218 21.04 15.80 9.54
N LYS B 219 20.31 14.69 9.49
CA LYS B 219 20.61 13.59 8.56
C LYS B 219 20.47 14.08 7.11
N ILE B 220 19.37 14.76 6.81
CA ILE B 220 19.11 15.27 5.47
C ILE B 220 20.19 16.31 5.01
N VAL B 221 20.49 17.30 5.88
CA VAL B 221 21.43 18.37 5.57
C VAL B 221 22.82 17.83 5.29
N ALA B 222 23.14 16.69 5.88
CA ALA B 222 24.45 16.07 5.71
C ALA B 222 24.63 15.52 4.30
N LYS B 223 23.57 15.28 3.56
CA LYS B 223 23.65 14.72 2.21
C LYS B 223 23.71 15.87 1.17
N PRO B 224 24.26 15.59 -0.03
CA PRO B 224 24.32 16.62 -1.06
C PRO B 224 22.94 17.06 -1.53
N ARG B 225 22.73 18.36 -1.61
CA ARG B 225 21.46 18.95 -2.00
C ARG B 225 20.96 18.44 -3.36
N ALA B 226 21.86 18.38 -4.33
CA ALA B 226 21.56 17.92 -5.70
C ALA B 226 20.88 16.57 -5.67
N ALA B 227 21.45 15.67 -4.90
CA ALA B 227 21.04 14.26 -4.86
C ALA B 227 19.66 14.20 -4.23
N VAL B 228 19.47 14.92 -3.14
CA VAL B 228 18.17 14.92 -2.45
C VAL B 228 17.07 15.52 -3.31
N ALA B 229 17.36 16.63 -3.99
CA ALA B 229 16.40 17.27 -4.87
C ALA B 229 15.96 16.38 -6.02
N MET B 230 16.94 15.83 -6.74
CA MET B 230 16.60 14.97 -7.89
C MET B 230 15.92 13.69 -7.42
N GLY B 231 16.30 13.19 -6.26
CA GLY B 231 15.70 11.98 -5.70
C GLY B 231 14.26 12.15 -5.27
N LYS B 232 13.96 13.24 -4.59
CA LYS B 232 12.57 13.52 -4.20
C LYS B 232 11.70 13.65 -5.46
N ALA B 233 12.17 14.39 -6.47
CA ALA B 233 11.39 14.57 -7.67
C ALA B 233 11.11 13.21 -8.34
N LEU B 234 12.13 12.40 -8.45
CA LEU B 234 12.00 11.07 -9.08
C LEU B 234 11.02 10.26 -8.24
N PHE B 235 11.16 10.29 -6.93
CA PHE B 235 10.31 9.47 -6.03
C PHE B 235 8.85 9.61 -6.37
N TYR B 236 8.38 10.85 -6.45
CA TYR B 236 6.94 11.07 -6.67
C TYR B 236 6.54 10.88 -8.14
N ARG B 237 7.44 11.04 -9.10
CA ARG B 237 7.08 10.70 -10.48
C ARG B 237 6.87 9.19 -10.59
N GLN B 238 7.82 8.43 -10.07
CA GLN B 238 7.85 6.97 -10.30
C GLN B 238 6.77 6.21 -9.51
N ILE B 239 6.37 6.76 -8.38
CA ILE B 239 5.46 6.06 -7.47
C ILE B 239 4.08 5.90 -8.09
N GLU B 240 3.75 6.75 -9.06
CA GLU B 240 2.41 6.85 -9.69
C GLU B 240 2.38 6.24 -11.06
N THR B 241 3.39 5.48 -11.44
CA THR B 241 3.39 4.88 -12.78
C THR B 241 3.73 3.39 -12.66
N ASP B 242 3.77 2.71 -13.80
CA ASP B 242 4.07 1.29 -13.80
C ASP B 242 5.53 1.04 -13.58
N ILE B 243 5.90 -0.17 -13.16
CA ILE B 243 7.26 -0.40 -12.70
C ILE B 243 8.31 -0.22 -13.79
N GLU B 244 7.98 -0.56 -15.02
CA GLU B 244 8.94 -0.41 -16.13
C GLU B 244 9.14 1.06 -16.50
N SER B 245 8.07 1.84 -16.55
CA SER B 245 8.17 3.29 -16.76
C SER B 245 8.99 3.90 -15.60
N ALA B 246 8.69 3.47 -14.38
CA ALA B 246 9.39 3.97 -13.20
C ALA B 246 10.91 3.70 -13.32
N TYR B 247 11.28 2.48 -13.68
CA TYR B 247 12.69 2.17 -13.85
C TYR B 247 13.35 2.95 -15.00
N ALA B 248 12.65 3.23 -16.08
CA ALA B 248 13.25 4.02 -17.15
C ALA B 248 13.62 5.41 -16.66
N ASP B 249 12.72 6.00 -15.91
CA ASP B 249 12.92 7.35 -15.40
C ASP B 249 14.01 7.28 -14.32
N ALA B 250 13.95 6.30 -13.41
CA ALA B 250 14.92 6.21 -12.29
C ALA B 250 16.36 5.97 -12.82
N GLY B 251 16.48 5.15 -13.85
CA GLY B 251 17.79 4.85 -14.45
C GLY B 251 18.47 6.08 -14.99
N THR B 252 17.77 6.87 -15.81
CA THR B 252 18.36 8.06 -16.39
C THR B 252 18.58 9.12 -15.31
N THR B 253 17.69 9.20 -14.31
CA THR B 253 17.90 10.15 -13.22
C THR B 253 19.15 9.78 -12.41
N MET B 254 19.32 8.48 -12.12
CA MET B 254 20.46 8.03 -11.32
C MET B 254 21.75 8.22 -12.09
N ALA B 255 21.75 8.00 -13.40
CA ALA B 255 22.92 8.22 -14.27
C ALA B 255 23.31 9.68 -14.27
N CYS B 256 22.33 10.59 -14.25
CA CYS B 256 22.59 12.03 -14.20
C CYS B 256 23.19 12.33 -12.81
N ASN B 257 22.59 11.77 -11.76
CA ASN B 257 23.11 11.99 -10.39
C ASN B 257 24.57 11.54 -10.25
N MET B 258 24.92 10.42 -10.87
CA MET B 258 26.25 9.87 -10.68
C MET B 258 27.33 10.77 -11.33
N MET B 259 26.96 11.55 -12.34
CA MET B 259 27.87 12.51 -12.97
C MET B 259 28.03 13.84 -12.18
N ASP B 260 27.20 14.00 -11.15
CA ASP B 260 27.32 15.19 -10.29
C ASP B 260 28.63 15.10 -9.52
N PRO B 261 29.40 16.20 -9.40
CA PRO B 261 30.64 16.15 -8.66
C PRO B 261 30.55 15.61 -7.23
N SER B 262 29.44 15.82 -6.55
CA SER B 262 29.31 15.33 -5.19
CA SER B 262 29.28 15.33 -5.19
C SER B 262 29.13 13.82 -5.15
N ALA B 263 28.52 13.23 -6.18
CA ALA B 263 28.46 11.75 -6.24
C ALA B 263 29.84 11.19 -6.56
N LEU B 264 30.52 11.79 -7.54
CA LEU B 264 31.88 11.32 -7.86
C LEU B 264 32.78 11.39 -6.62
N GLU B 265 32.70 12.51 -5.88
CA GLU B 265 33.49 12.67 -4.65
C GLU B 265 33.01 11.76 -3.51
N GLY B 266 31.70 11.60 -3.35
CA GLY B 266 31.16 10.72 -2.31
C GLY B 266 31.65 9.29 -2.50
N VAL B 267 31.65 8.83 -3.75
CA VAL B 267 32.08 7.45 -4.03
C VAL B 267 33.60 7.34 -3.83
N SER B 268 34.35 8.30 -4.35
CA SER B 268 35.80 8.29 -4.16
CA SER B 268 35.80 8.29 -4.16
C SER B 268 36.13 8.27 -2.65
N ALA B 269 35.44 9.09 -1.88
CA ALA B 269 35.64 9.13 -0.42
C ALA B 269 35.38 7.80 0.26
N PHE B 270 34.29 7.12 -0.10
CA PHE B 270 34.06 5.78 0.40
C PHE B 270 35.21 4.84 0.07
N LEU B 271 35.68 4.92 -1.16
CA LEU B 271 36.73 4.02 -1.62
C LEU B 271 38.08 4.30 -0.94
N GLU B 272 38.31 5.54 -0.57
CA GLU B 272 39.55 5.99 0.09
C GLU B 272 39.42 6.06 1.61
N LYS B 273 38.32 5.51 2.14
CA LYS B 273 38.02 5.44 3.58
C LYS B 273 38.19 6.77 4.29
N ARG B 274 37.54 7.79 3.76
CA ARG B 274 37.58 9.14 4.29
C ARG B 274 36.20 9.77 4.17
N ARG B 275 35.99 10.86 4.91
CA ARG B 275 34.72 11.57 4.86
C ARG B 275 34.68 12.36 3.55
N PRO B 276 33.49 12.40 2.91
CA PRO B 276 33.40 13.14 1.66
C PRO B 276 33.45 14.64 1.89
N GLU B 277 34.06 15.35 0.95
CA GLU B 277 34.17 16.81 1.02
C GLU B 277 33.03 17.44 0.25
N TRP B 278 31.90 17.56 0.93
CA TRP B 278 30.66 18.03 0.34
C TRP B 278 30.32 19.47 0.73
N HIS B 279 31.11 20.03 1.65
CA HIS B 279 30.86 21.38 2.16
C HIS B 279 29.43 21.50 2.69
N THR B 280 28.91 20.39 3.22
CA THR B 280 27.60 20.36 3.89
C THR B 280 27.87 20.49 5.39
N GLU C 24 37.09 -19.66 -9.58
CA GLU C 24 35.89 -19.56 -8.65
C GLU C 24 34.71 -18.67 -9.17
N PRO C 25 33.59 -19.28 -9.61
CA PRO C 25 32.54 -18.50 -10.31
C PRO C 25 31.90 -17.40 -9.47
N LEU C 26 31.57 -16.31 -10.14
CA LEU C 26 30.94 -15.17 -9.49
C LEU C 26 29.54 -15.51 -9.02
N LEU C 27 28.91 -16.50 -9.66
CA LEU C 27 27.53 -16.88 -9.33
C LEU C 27 27.46 -18.39 -9.31
N LEU C 28 27.17 -18.98 -8.16
CA LEU C 28 27.04 -20.44 -8.11
C LEU C 28 25.62 -20.83 -8.47
N GLN C 29 25.45 -22.03 -9.01
CA GLN C 29 24.16 -22.51 -9.42
C GLN C 29 24.04 -24.00 -9.07
N ASP C 30 23.08 -24.35 -8.23
CA ASP C 30 22.82 -25.73 -7.79
C ASP C 30 21.35 -26.03 -8.01
N ARG C 31 21.02 -27.26 -8.36
CA ARG C 31 19.64 -27.68 -8.57
C ARG C 31 19.43 -29.01 -7.87
N ASP C 32 18.32 -29.15 -7.16
CA ASP C 32 17.98 -30.41 -6.51
C ASP C 32 17.12 -31.29 -7.45
N GLU C 33 16.58 -32.39 -6.94
CA GLU C 33 15.74 -33.29 -7.72
C GLU C 33 14.27 -32.87 -7.84
N ARG C 34 13.94 -31.72 -7.26
CA ARG C 34 12.59 -31.17 -7.24
C ARG C 34 12.40 -30.01 -8.21
N GLY C 35 13.44 -29.61 -8.91
CA GLY C 35 13.30 -28.43 -9.77
C GLY C 35 13.55 -27.14 -9.04
N VAL C 36 14.16 -27.24 -7.85
CA VAL C 36 14.47 -26.03 -7.06
C VAL C 36 15.91 -25.64 -7.34
N VAL C 37 16.09 -24.42 -7.85
CA VAL C 37 17.42 -23.90 -8.19
C VAL C 37 17.90 -22.88 -7.17
N THR C 38 19.10 -23.06 -6.63
CA THR C 38 19.70 -22.07 -5.74
C THR C 38 20.80 -21.32 -6.49
N LEU C 39 20.66 -20.01 -6.65
CA LEU C 39 21.68 -19.17 -7.22
C LEU C 39 22.33 -18.42 -6.08
N THR C 40 23.65 -18.59 -5.93
CA THR C 40 24.35 -17.98 -4.82
C THR C 40 25.34 -16.95 -5.32
N LEU C 41 25.06 -15.68 -5.02
CA LEU C 41 26.01 -14.61 -5.27
C LEU C 41 27.32 -14.94 -4.59
N ASN C 42 28.41 -14.89 -5.35
CA ASN C 42 29.67 -15.47 -4.87
C ASN C 42 30.90 -14.59 -5.02
N ARG C 43 30.80 -13.34 -4.55
CA ARG C 43 31.96 -12.47 -4.37
C ARG C 43 31.98 -12.06 -2.89
N PRO C 44 32.27 -13.02 -1.99
CA PRO C 44 32.12 -12.77 -0.57
C PRO C 44 32.93 -11.63 0.00
N GLN C 45 34.17 -11.46 -0.47
CA GLN C 45 35.02 -10.34 0.03
C GLN C 45 34.56 -8.99 -0.44
N ALA C 46 33.93 -8.95 -1.63
CA ALA C 46 33.32 -7.76 -2.20
C ALA C 46 31.86 -7.59 -1.74
N PHE C 47 31.42 -8.38 -0.77
CA PHE C 47 30.06 -8.29 -0.26
C PHE C 47 29.09 -8.49 -1.42
N ASN C 48 29.45 -9.38 -2.36
CA ASN C 48 28.56 -9.78 -3.46
C ASN C 48 28.05 -8.61 -4.31
N ALA C 49 28.87 -7.58 -4.41
CA ALA C 49 28.54 -6.42 -5.22
C ALA C 49 28.22 -6.79 -6.68
N LEU C 50 27.23 -6.10 -7.22
CA LEU C 50 26.69 -6.34 -8.57
C LEU C 50 27.55 -5.66 -9.64
N SER C 51 28.76 -6.16 -9.80
CA SER C 51 29.64 -5.76 -10.91
C SER C 51 29.00 -6.05 -12.26
N GLU C 52 29.58 -5.51 -13.32
CA GLU C 52 29.09 -5.85 -14.67
C GLU C 52 29.06 -7.35 -14.86
N ALA C 53 30.14 -8.04 -14.47
CA ALA C 53 30.19 -9.50 -14.65
C ALA C 53 29.18 -10.26 -13.78
N MET C 54 28.94 -9.77 -12.56
CA MET C 54 27.90 -10.37 -11.71
C MET C 54 26.55 -10.22 -12.38
N LEU C 55 26.27 -9.02 -12.90
CA LEU C 55 24.99 -8.76 -13.59
C LEU C 55 24.84 -9.64 -14.82
N ALA C 56 25.92 -9.82 -15.59
CA ALA C 56 25.87 -10.64 -16.76
C ALA C 56 25.57 -12.08 -16.40
N ALA C 57 26.18 -12.59 -15.34
CA ALA C 57 25.91 -13.94 -14.86
C ALA C 57 24.47 -14.12 -14.38
N LEU C 58 23.94 -13.14 -13.67
CA LEU C 58 22.56 -13.21 -13.20
C LEU C 58 21.62 -13.17 -14.39
N GLY C 59 21.89 -12.30 -15.36
CA GLY C 59 21.02 -12.18 -16.55
C GLY C 59 21.00 -13.50 -17.33
N GLU C 60 22.17 -14.11 -17.47
CA GLU C 60 22.25 -15.36 -18.21
C GLU C 60 21.47 -16.42 -17.45
N ALA C 61 21.66 -16.48 -16.13
CA ALA C 61 21.01 -17.53 -15.33
C ALA C 61 19.50 -17.41 -15.38
N PHE C 62 18.97 -16.23 -15.13
CA PHE C 62 17.49 -16.05 -15.21
C PHE C 62 16.97 -16.23 -16.64
N GLY C 63 17.77 -15.87 -17.64
CA GLY C 63 17.36 -16.05 -19.05
C GLY C 63 17.21 -17.49 -19.41
N THR C 64 18.13 -18.32 -18.92
CA THR C 64 18.08 -19.76 -19.20
C THR C 64 16.94 -20.44 -18.42
N LEU C 65 16.83 -20.08 -17.15
CA LEU C 65 15.82 -20.66 -16.27
C LEU C 65 14.40 -20.32 -16.79
N ALA C 66 14.22 -19.14 -17.40
CA ALA C 66 12.91 -18.72 -17.91
C ALA C 66 12.36 -19.61 -19.02
N GLU C 67 13.25 -20.32 -19.69
CA GLU C 67 12.85 -21.17 -20.80
C GLU C 67 12.59 -22.58 -20.35
N ASP C 68 12.83 -22.87 -19.07
CA ASP C 68 12.75 -24.23 -18.57
C ASP C 68 11.49 -24.40 -17.70
N GLU C 69 10.46 -25.04 -18.26
CA GLU C 69 9.19 -25.20 -17.55
C GLU C 69 9.28 -26.13 -16.34
N SER C 70 10.37 -26.89 -16.23
CA SER C 70 10.54 -27.79 -15.09
C SER C 70 11.03 -27.09 -13.80
N VAL C 71 11.48 -25.85 -13.91
CA VAL C 71 11.96 -25.08 -12.76
C VAL C 71 10.73 -24.75 -11.90
N ARG C 72 10.80 -25.07 -10.61
CA ARG C 72 9.68 -24.86 -9.72
C ARG C 72 9.86 -23.69 -8.78
N ALA C 73 11.11 -23.37 -8.41
CA ALA C 73 11.38 -22.22 -7.51
C ALA C 73 12.86 -21.91 -7.61
N VAL C 74 13.20 -20.66 -7.33
CA VAL C 74 14.60 -20.21 -7.23
C VAL C 74 14.82 -19.59 -5.87
N VAL C 75 15.89 -20.00 -5.20
CA VAL C 75 16.33 -19.39 -3.98
C VAL C 75 17.57 -18.54 -4.34
N LEU C 76 17.51 -17.26 -4.05
CA LEU C 76 18.59 -16.34 -4.31
C LEU C 76 19.37 -16.15 -3.00
N ALA C 77 20.52 -16.81 -2.91
CA ALA C 77 21.36 -16.84 -1.71
C ALA C 77 22.67 -16.09 -1.98
N ALA C 78 23.47 -15.98 -0.93
CA ALA C 78 24.70 -15.21 -1.01
C ALA C 78 25.77 -15.69 -0.07
N SER C 79 27.02 -15.62 -0.56
CA SER C 79 28.19 -16.06 0.19
CA SER C 79 28.22 -16.04 0.15
C SER C 79 28.79 -15.01 1.13
N GLY C 80 29.56 -15.44 2.12
CA GLY C 80 30.23 -14.49 3.00
C GLY C 80 29.31 -13.84 4.03
N LYS C 81 29.75 -12.70 4.58
CA LYS C 81 29.02 -12.06 5.67
C LYS C 81 27.80 -11.26 5.23
N ALA C 82 27.82 -10.75 4.00
CA ALA C 82 26.78 -9.84 3.46
C ALA C 82 25.85 -10.60 2.52
N PHE C 83 24.59 -10.14 2.42
CA PHE C 83 23.74 -10.55 1.31
C PHE C 83 24.24 -9.86 0.02
N CYS C 84 24.17 -8.53 -0.05
CA CYS C 84 24.60 -7.82 -1.21
C CYS C 84 24.71 -6.33 -0.92
N ALA C 85 25.87 -5.79 -1.22
CA ALA C 85 26.17 -4.37 -0.99
C ALA C 85 25.66 -3.44 -2.06
N GLY C 86 25.16 -3.98 -3.16
CA GLY C 86 24.66 -3.22 -4.31
C GLY C 86 25.65 -3.14 -5.44
N HIS C 87 25.56 -2.09 -6.26
CA HIS C 87 26.50 -1.86 -7.34
C HIS C 87 27.93 -1.84 -6.83
N ASP C 88 28.84 -2.22 -7.72
CA ASP C 88 30.27 -2.22 -7.44
C ASP C 88 30.82 -0.81 -7.62
N LEU C 89 31.04 -0.15 -6.50
CA LEU C 89 31.45 1.25 -6.52
C LEU C 89 32.84 1.45 -7.09
N LYS C 90 33.76 0.52 -6.80
CA LYS C 90 35.11 0.59 -7.40
C LYS C 90 35.02 0.58 -8.92
N GLU C 91 34.27 -0.37 -9.46
CA GLU C 91 34.16 -0.52 -10.89
C GLU C 91 33.47 0.70 -11.49
N MET C 92 32.37 1.15 -10.88
CA MET C 92 31.67 2.35 -11.33
C MET C 92 32.52 3.60 -11.38
N ARG C 93 33.32 3.84 -10.35
CA ARG C 93 34.01 5.11 -10.22
C ARG C 93 35.11 5.22 -11.27
N ALA C 94 35.54 4.07 -11.78
CA ALA C 94 36.58 4.01 -12.79
C ALA C 94 36.09 4.37 -14.17
N GLU C 95 34.77 4.50 -14.33
CA GLU C 95 34.13 4.77 -15.62
C GLU C 95 33.16 5.93 -15.57
N PRO C 96 33.67 7.16 -15.36
CA PRO C 96 32.79 8.30 -15.21
C PRO C 96 32.28 8.81 -16.55
N SER C 97 31.27 8.11 -17.06
CA SER C 97 30.64 8.43 -18.34
C SER C 97 29.14 8.30 -18.22
N ARG C 98 28.41 9.29 -18.70
CA ARG C 98 26.97 9.24 -18.59
C ARG C 98 26.40 8.01 -19.29
N GLU C 99 26.87 7.75 -20.52
CA GLU C 99 26.44 6.59 -21.29
C GLU C 99 26.75 5.29 -20.54
N TYR C 100 27.93 5.21 -19.93
CA TYR C 100 28.27 4.01 -19.12
C TYR C 100 27.25 3.75 -18.02
N TYR C 101 26.92 4.78 -17.25
CA TYR C 101 25.97 4.63 -16.14
C TYR C 101 24.57 4.33 -16.66
N GLU C 102 24.15 5.01 -17.73
CA GLU C 102 22.84 4.74 -18.35
C GLU C 102 22.69 3.26 -18.68
N LYS C 103 23.70 2.72 -19.32
CA LYS C 103 23.62 1.31 -19.76
C LYS C 103 23.83 0.33 -18.59
N LEU C 104 24.66 0.69 -17.64
CA LEU C 104 24.87 -0.13 -16.42
C LEU C 104 23.58 -0.25 -15.62
N PHE C 105 22.90 0.87 -15.40
CA PHE C 105 21.67 0.83 -14.67
C PHE C 105 20.57 0.14 -15.46
N ALA C 106 20.55 0.29 -16.80
CA ALA C 106 19.56 -0.42 -17.60
C ALA C 106 19.79 -1.93 -17.48
N ARG C 107 21.08 -2.34 -17.50
CA ARG C 107 21.42 -3.76 -17.34
C ARG C 107 20.93 -4.32 -16.00
N CYS C 108 21.14 -3.56 -14.95
CA CYS C 108 20.64 -3.97 -13.64
C CYS C 108 19.11 -4.10 -13.62
N THR C 109 18.44 -3.09 -14.16
CA THR C 109 16.97 -3.12 -14.27
C THR C 109 16.52 -4.35 -15.05
N ASP C 110 17.23 -4.69 -16.13
CA ASP C 110 16.91 -5.91 -16.91
C ASP C 110 16.98 -7.18 -16.04
N VAL C 111 17.97 -7.27 -15.15
CA VAL C 111 18.10 -8.40 -14.21
C VAL C 111 16.92 -8.42 -13.24
N MET C 112 16.58 -7.26 -12.73
CA MET C 112 15.49 -7.15 -11.75
C MET C 112 14.16 -7.52 -12.37
N LEU C 113 13.92 -7.02 -13.58
CA LEU C 113 12.63 -7.35 -14.25
C LEU C 113 12.65 -8.85 -14.64
N ALA C 114 13.82 -9.42 -14.94
CA ALA C 114 13.88 -10.86 -15.22
C ALA C 114 13.47 -11.69 -14.00
N ILE C 115 13.84 -11.27 -12.82
CA ILE C 115 13.36 -11.89 -11.58
C ILE C 115 11.85 -11.86 -11.51
N GLN C 116 11.29 -10.69 -11.73
CA GLN C 116 9.83 -10.55 -11.66
C GLN C 116 9.07 -11.25 -12.77
N ARG C 117 9.71 -11.47 -13.92
CA ARG C 117 9.10 -12.18 -15.06
C ARG C 117 9.32 -13.67 -15.06
N LEU C 118 10.23 -14.19 -14.22
CA LEU C 118 10.52 -15.64 -14.21
C LEU C 118 9.24 -16.37 -13.89
N PRO C 119 8.92 -17.45 -14.63
CA PRO C 119 7.67 -18.16 -14.36
C PRO C 119 7.76 -19.16 -13.19
N ALA C 120 8.54 -18.84 -12.19
CA ALA C 120 8.67 -19.59 -10.97
C ALA C 120 8.94 -18.55 -9.89
N PRO C 121 8.51 -18.83 -8.66
CA PRO C 121 8.79 -17.87 -7.58
C PRO C 121 10.26 -17.78 -7.28
N VAL C 122 10.70 -16.58 -6.89
CA VAL C 122 12.08 -16.31 -6.52
C VAL C 122 12.06 -15.81 -5.08
N ILE C 123 12.80 -16.48 -4.20
CA ILE C 123 12.85 -16.23 -2.78
C ILE C 123 14.24 -15.77 -2.40
N ALA C 124 14.36 -14.57 -1.84
CA ALA C 124 15.60 -14.08 -1.33
C ALA C 124 15.89 -14.69 0.03
N ARG C 125 17.13 -15.19 0.20
CA ARG C 125 17.61 -15.75 1.47
C ARG C 125 18.61 -14.75 2.03
N VAL C 126 18.15 -13.93 2.98
CA VAL C 126 18.91 -12.74 3.44
C VAL C 126 19.51 -12.96 4.80
N HIS C 127 20.82 -13.22 4.85
CA HIS C 127 21.48 -13.60 6.08
C HIS C 127 22.42 -12.49 6.62
N GLY C 128 22.52 -11.36 5.90
CA GLY C 128 23.38 -10.26 6.31
C GLY C 128 22.90 -8.99 5.62
N ILE C 129 23.75 -7.98 5.53
CA ILE C 129 23.34 -6.67 5.01
C ILE C 129 22.86 -6.75 3.56
N ALA C 130 21.81 -6.00 3.25
CA ALA C 130 21.31 -5.81 1.91
C ALA C 130 21.17 -4.29 1.72
N THR C 131 22.06 -3.69 0.94
CA THR C 131 22.11 -2.24 0.79
C THR C 131 22.00 -1.82 -0.68
N ALA C 132 21.28 -0.72 -0.92
CA ALA C 132 21.23 -0.08 -2.23
C ALA C 132 20.69 -1.07 -3.26
N ALA C 133 21.35 -1.38 -4.36
CA ALA C 133 20.82 -2.41 -5.30
C ALA C 133 20.67 -3.81 -4.65
N GLY C 134 21.36 -4.07 -3.55
CA GLY C 134 21.15 -5.28 -2.75
C GLY C 134 19.81 -5.31 -2.05
N CYS C 135 19.38 -4.15 -1.55
CA CYS C 135 18.04 -4.04 -0.95
C CYS C 135 17.00 -4.12 -2.08
N GLN C 136 17.33 -3.56 -3.24
CA GLN C 136 16.48 -3.64 -4.43
C GLN C 136 16.22 -5.09 -4.80
N LEU C 137 17.27 -5.92 -4.80
CA LEU C 137 17.12 -7.35 -5.09
C LEU C 137 16.07 -7.98 -4.17
N VAL C 138 16.17 -7.72 -2.88
CA VAL C 138 15.22 -8.28 -1.91
C VAL C 138 13.80 -7.83 -2.27
N ALA C 139 13.64 -6.55 -2.54
CA ALA C 139 12.33 -6.01 -2.89
C ALA C 139 11.74 -6.49 -4.19
N MET C 140 12.59 -6.89 -5.13
CA MET C 140 12.12 -7.46 -6.41
C MET C 140 11.83 -8.94 -6.32
N CYS C 141 12.48 -9.68 -5.43
CA CYS C 141 12.13 -11.08 -5.27
C CYS C 141 10.66 -11.20 -4.84
N ASP C 142 10.01 -12.31 -5.20
CA ASP C 142 8.58 -12.46 -4.87
C ASP C 142 8.35 -12.63 -3.37
N LEU C 143 9.30 -13.22 -2.68
CA LEU C 143 9.25 -13.61 -1.29
C LEU C 143 10.66 -13.41 -0.72
N ALA C 144 10.76 -13.30 0.59
CA ALA C 144 12.04 -13.19 1.25
C ALA C 144 12.02 -13.67 2.66
N VAL C 145 13.07 -14.38 3.04
CA VAL C 145 13.24 -14.85 4.41
C VAL C 145 14.54 -14.25 4.94
N ALA C 146 14.52 -13.58 6.07
CA ALA C 146 15.70 -12.92 6.62
C ALA C 146 16.05 -13.53 7.99
N THR C 147 17.31 -13.41 8.37
CA THR C 147 17.74 -13.67 9.71
C THR C 147 17.49 -12.41 10.58
N ARG C 148 17.41 -12.62 11.89
CA ARG C 148 17.08 -11.54 12.82
C ARG C 148 18.12 -10.46 12.82
N ASP C 149 19.34 -10.81 12.44
CA ASP C 149 20.44 -9.87 12.39
C ASP C 149 20.67 -9.21 11.03
N ALA C 150 19.92 -9.60 9.99
CA ALA C 150 20.05 -8.97 8.69
C ALA C 150 19.55 -7.52 8.80
N ARG C 151 20.15 -6.65 8.00
CA ARG C 151 19.80 -5.22 7.99
C ARG C 151 19.66 -4.75 6.55
N PHE C 152 18.76 -3.79 6.36
CA PHE C 152 18.34 -3.32 5.02
C PHE C 152 18.51 -1.79 4.95
N ALA C 153 19.05 -1.31 3.83
CA ALA C 153 19.15 0.10 3.63
C ALA C 153 19.18 0.42 2.16
N VAL C 154 18.78 1.63 1.81
CA VAL C 154 18.95 2.19 0.47
C VAL C 154 19.94 3.36 0.66
N SER C 155 21.21 3.01 0.80
CA SER C 155 22.24 3.88 1.34
C SER C 155 23.14 4.52 0.29
N GLY C 156 22.71 4.52 -0.96
CA GLY C 156 23.41 5.25 -2.02
C GLY C 156 23.63 6.71 -1.64
N ILE C 157 22.68 7.29 -0.95
CA ILE C 157 22.77 8.70 -0.60
C ILE C 157 23.97 8.99 0.28
N ASN C 158 24.46 8.01 1.03
CA ASN C 158 25.67 8.16 1.85
C ASN C 158 26.92 8.36 0.99
N VAL C 159 26.86 8.00 -0.28
CA VAL C 159 27.96 8.30 -1.22
C VAL C 159 27.52 9.36 -2.23
N GLY C 160 26.43 10.07 -1.94
CA GLY C 160 25.97 11.13 -2.84
C GLY C 160 25.12 10.73 -4.03
N LEU C 161 24.73 9.45 -4.05
CA LEU C 161 23.97 8.86 -5.16
C LEU C 161 22.60 8.40 -4.61
N PHE C 162 21.58 9.24 -4.74
CA PHE C 162 20.25 8.85 -4.31
C PHE C 162 19.86 7.52 -4.94
N CYS C 163 19.32 6.64 -4.12
CA CYS C 163 18.91 5.32 -4.57
C CYS C 163 17.62 5.35 -5.40
N SER C 164 17.68 5.96 -6.58
CA SER C 164 16.52 6.08 -7.46
C SER C 164 16.00 4.74 -7.94
N THR C 165 16.87 3.87 -8.46
CA THR C 165 16.36 2.61 -8.95
C THR C 165 15.97 1.69 -7.78
N PRO C 166 16.76 1.62 -6.68
CA PRO C 166 16.29 0.78 -5.55
C PRO C 166 14.97 1.30 -4.99
N GLY C 167 14.77 2.61 -4.98
CA GLY C 167 13.51 3.20 -4.51
C GLY C 167 12.30 2.74 -5.27
N VAL C 168 12.45 2.49 -6.58
CA VAL C 168 11.34 1.92 -7.40
C VAL C 168 10.86 0.62 -6.75
N ALA C 169 11.75 -0.32 -6.51
CA ALA C 169 11.39 -1.59 -5.90
C ALA C 169 10.92 -1.42 -4.43
N LEU C 170 11.65 -0.63 -3.65
CA LEU C 170 11.30 -0.45 -2.25
C LEU C 170 9.91 0.13 -2.08
N SER C 171 9.56 1.16 -2.88
CA SER C 171 8.24 1.82 -2.74
C SER C 171 7.09 0.96 -3.21
N ARG C 172 7.39 -0.22 -3.75
CA ARG C 172 6.37 -1.22 -4.08
C ARG C 172 6.32 -2.37 -3.04
N ASN C 173 7.13 -2.29 -1.98
CA ASN C 173 7.06 -3.17 -0.84
C ASN C 173 6.69 -2.48 0.47
N VAL C 174 6.99 -1.17 0.64
CA VAL C 174 6.74 -0.46 1.89
C VAL C 174 6.05 0.85 1.60
N GLY C 175 5.43 1.38 2.65
CA GLY C 175 4.73 2.66 2.58
C GLY C 175 5.56 3.86 2.14
N ARG C 176 4.87 4.91 1.69
CA ARG C 176 5.53 6.08 1.07
C ARG C 176 6.46 6.72 2.09
N LYS C 177 5.93 7.03 3.30
CA LYS C 177 6.77 7.76 4.30
C LYS C 177 7.96 6.93 4.77
N ALA C 178 7.76 5.62 4.98
CA ALA C 178 8.87 4.74 5.36
C ALA C 178 9.97 4.68 4.27
N ALA C 179 9.56 4.58 3.02
CA ALA C 179 10.50 4.53 1.87
C ALA C 179 11.21 5.86 1.77
N PHE C 180 10.48 6.95 1.85
CA PHE C 180 11.12 8.26 1.69
C PHE C 180 12.21 8.46 2.77
N GLU C 181 11.89 8.14 4.01
CA GLU C 181 12.83 8.25 5.12
C GLU C 181 14.10 7.41 4.86
N MET C 182 13.89 6.17 4.42
CA MET C 182 15.01 5.29 4.12
C MET C 182 15.88 5.88 3.04
N LEU C 183 15.26 6.40 1.99
CA LEU C 183 15.99 6.96 0.86
C LEU C 183 16.79 8.22 1.14
N VAL C 184 16.21 9.13 1.91
CA VAL C 184 16.93 10.39 2.16
CA VAL C 184 16.91 10.39 2.16
C VAL C 184 17.93 10.31 3.29
N THR C 185 17.76 9.36 4.22
CA THR C 185 18.72 9.22 5.35
C THR C 185 19.78 8.14 5.14
N GLY C 186 19.44 7.15 4.34
CA GLY C 186 20.35 6.04 4.05
C GLY C 186 20.54 5.08 5.22
N GLU C 187 19.72 5.23 6.29
CA GLU C 187 19.92 4.45 7.51
CA GLU C 187 19.92 4.46 7.52
C GLU C 187 19.44 3.00 7.40
N PHE C 188 20.03 2.13 8.22
CA PHE C 188 19.63 0.73 8.28
C PHE C 188 18.26 0.58 8.96
N VAL C 189 17.52 -0.42 8.50
CA VAL C 189 16.29 -0.90 9.13
C VAL C 189 16.50 -2.37 9.54
N SER C 190 16.07 -2.74 10.74
CA SER C 190 16.21 -4.11 11.24
C SER C 190 15.35 -5.08 10.46
N ALA C 191 15.65 -6.37 10.61
CA ALA C 191 14.86 -7.41 9.93
C ALA C 191 13.43 -7.39 10.47
N ASP C 192 13.26 -7.24 11.78
CA ASP C 192 11.89 -7.17 12.36
C ASP C 192 11.12 -6.01 11.77
N ASP C 193 11.77 -4.85 11.68
CA ASP C 193 11.10 -3.74 11.10
C ASP C 193 10.79 -3.97 9.61
N ALA C 194 11.71 -4.56 8.88
CA ALA C 194 11.49 -4.85 7.46
C ALA C 194 10.31 -5.74 7.26
N LYS C 195 10.13 -6.75 8.11
CA LYS C 195 8.95 -7.61 8.02
CA LYS C 195 8.94 -7.62 8.01
C LYS C 195 7.68 -6.79 8.24
N GLY C 196 7.70 -5.99 9.28
CA GLY C 196 6.53 -5.15 9.57
C GLY C 196 6.15 -4.22 8.43
N LEU C 197 7.18 -3.71 7.75
CA LEU C 197 6.97 -2.80 6.64
C LEU C 197 6.46 -3.48 5.40
N GLY C 198 6.76 -4.77 5.23
CA GLY C 198 6.45 -5.50 3.99
C GLY C 198 7.60 -5.87 3.06
N LEU C 199 8.82 -5.59 3.47
CA LEU C 199 10.04 -5.84 2.65
C LEU C 199 10.47 -7.32 2.68
N VAL C 200 10.19 -8.03 3.77
CA VAL C 200 10.42 -9.49 3.86
C VAL C 200 9.17 -10.19 4.43
N ASN C 201 9.09 -11.49 4.24
CA ASN C 201 7.95 -12.31 4.72
C ASN C 201 8.18 -12.92 6.09
N ARG C 202 9.39 -13.39 6.37
CA ARG C 202 9.70 -14.16 7.58
C ARG C 202 11.05 -13.71 8.12
N VAL C 203 11.19 -13.76 9.44
CA VAL C 203 12.42 -13.44 10.15
C VAL C 203 12.66 -14.53 11.19
N VAL C 204 13.86 -15.11 11.11
CA VAL C 204 14.22 -16.26 11.95
C VAL C 204 15.64 -16.19 12.48
N ALA C 205 15.99 -17.05 13.44
CA ALA C 205 17.37 -17.09 13.93
C ALA C 205 18.26 -17.59 12.81
N PRO C 206 19.53 -17.18 12.79
CA PRO C 206 20.46 -17.67 11.79
C PRO C 206 20.45 -19.19 11.64
N LYS C 207 20.47 -19.95 12.75
CA LYS C 207 20.44 -21.43 12.70
C LYS C 207 19.18 -22.02 12.08
N ALA C 208 18.12 -21.22 12.02
CA ALA C 208 16.81 -21.69 11.51
C ALA C 208 16.54 -21.26 10.08
N LEU C 209 17.48 -20.55 9.48
CA LEU C 209 17.26 -19.93 8.18
C LEU C 209 17.02 -21.00 7.10
N ASP C 210 17.89 -22.02 7.01
CA ASP C 210 17.74 -23.09 6.01
C ASP C 210 16.40 -23.81 6.18
N ASP C 211 16.00 -24.09 7.42
CA ASP C 211 14.73 -24.76 7.67
C ASP C 211 13.55 -23.90 7.25
N GLU C 212 13.62 -22.61 7.50
CA GLU C 212 12.56 -21.70 7.09
C GLU C 212 12.43 -21.58 5.57
N ILE C 213 13.56 -21.50 4.85
CA ILE C 213 13.57 -21.47 3.38
C ILE C 213 12.92 -22.77 2.87
N GLU C 214 13.33 -23.91 3.43
CA GLU C 214 12.79 -25.21 2.99
C GLU C 214 11.31 -25.32 3.24
N ALA C 215 10.80 -24.78 4.35
CA ALA C 215 9.37 -24.81 4.62
C ALA C 215 8.61 -24.11 3.50
N MET C 216 9.12 -22.96 3.07
CA MET C 216 8.47 -22.18 2.03
C MET C 216 8.60 -22.88 0.66
N VAL C 217 9.81 -23.33 0.33
CA VAL C 217 10.03 -24.07 -0.94
C VAL C 217 9.13 -25.31 -1.03
N SER C 218 9.07 -26.07 0.06
CA SER C 218 8.28 -27.30 0.02
C SER C 218 6.81 -27.02 -0.22
N LYS C 219 6.30 -25.92 0.28
CA LYS C 219 4.88 -25.58 0.04
C LYS C 219 4.65 -25.24 -1.42
N ILE C 220 5.55 -24.48 -2.01
CA ILE C 220 5.42 -24.06 -3.40
C ILE C 220 5.51 -25.31 -4.33
N VAL C 221 6.52 -26.16 -4.13
CA VAL C 221 6.77 -27.23 -5.09
C VAL C 221 5.67 -28.26 -5.04
N ALA C 222 4.93 -28.32 -3.92
CA ALA C 222 3.83 -29.27 -3.79
C ALA C 222 2.69 -28.89 -4.73
N LYS C 223 2.55 -27.60 -5.08
CA LYS C 223 1.51 -27.14 -6.00
C LYS C 223 1.83 -27.36 -7.47
N PRO C 224 0.80 -27.42 -8.35
CA PRO C 224 1.14 -27.58 -9.76
C PRO C 224 1.91 -26.42 -10.40
N ARG C 225 2.89 -26.74 -11.23
CA ARG C 225 3.67 -25.73 -11.91
C ARG C 225 2.81 -24.76 -12.73
N ALA C 226 1.84 -25.28 -13.49
CA ALA C 226 1.04 -24.43 -14.36
C ALA C 226 0.33 -23.35 -13.61
N ALA C 227 -0.27 -23.72 -12.49
CA ALA C 227 -1.00 -22.79 -11.67
C ALA C 227 -0.09 -21.68 -11.12
N VAL C 228 1.08 -22.08 -10.65
CA VAL C 228 2.00 -21.11 -10.04
C VAL C 228 2.52 -20.14 -11.11
N ALA C 229 2.84 -20.65 -12.30
CA ALA C 229 3.36 -19.84 -13.40
C ALA C 229 2.33 -18.86 -13.91
N MET C 230 1.12 -19.35 -14.18
CA MET C 230 0.01 -18.51 -14.66
C MET C 230 -0.30 -17.43 -13.62
N GLY C 231 -0.34 -17.85 -12.37
CA GLY C 231 -0.67 -16.98 -11.27
C GLY C 231 0.34 -15.88 -11.01
N LYS C 232 1.61 -16.23 -10.96
CA LYS C 232 2.63 -15.20 -10.78
C LYS C 232 2.56 -14.16 -11.92
N ALA C 233 2.44 -14.61 -13.18
CA ALA C 233 2.40 -13.68 -14.30
C ALA C 233 1.20 -12.72 -14.14
N LEU C 234 0.05 -13.29 -13.85
CA LEU C 234 -1.18 -12.49 -13.68
C LEU C 234 -1.03 -11.51 -12.51
N PHE C 235 -0.49 -12.01 -11.40
CA PHE C 235 -0.28 -11.15 -10.20
C PHE C 235 0.38 -9.82 -10.54
N TYR C 236 1.50 -9.88 -11.24
CA TYR C 236 2.23 -8.64 -11.56
C TYR C 236 1.63 -7.85 -12.71
N ARG C 237 0.84 -8.46 -13.61
CA ARG C 237 0.10 -7.64 -14.60
C ARG C 237 -1.01 -6.83 -13.92
N GLN C 238 -1.75 -7.47 -13.03
CA GLN C 238 -3.00 -6.89 -12.53
C GLN C 238 -2.73 -5.82 -11.46
N ILE C 239 -1.63 -5.98 -10.75
CA ILE C 239 -1.39 -5.16 -9.57
C ILE C 239 -1.17 -3.68 -9.92
N GLU C 240 -0.80 -3.39 -11.16
CA GLU C 240 -0.51 -2.01 -11.54
C GLU C 240 -1.50 -1.47 -12.55
N THR C 241 -2.72 -2.02 -12.55
CA THR C 241 -3.79 -1.45 -13.37
C THR C 241 -5.04 -1.21 -12.52
N ASP C 242 -6.07 -0.67 -13.16
CA ASP C 242 -7.31 -0.36 -12.44
C ASP C 242 -8.03 -1.67 -12.13
N ILE C 243 -8.91 -1.66 -11.16
CA ILE C 243 -9.47 -2.92 -10.63
C ILE C 243 -10.34 -3.64 -11.68
N GLU C 244 -11.05 -2.86 -12.49
CA GLU C 244 -11.92 -3.46 -13.51
C GLU C 244 -11.06 -4.16 -14.58
N SER C 245 -10.02 -3.50 -15.08
CA SER C 245 -9.07 -4.15 -16.04
C SER C 245 -8.40 -5.38 -15.42
N ALA C 246 -8.03 -5.22 -14.16
CA ALA C 246 -7.39 -6.31 -13.41
C ALA C 246 -8.26 -7.56 -13.36
N TYR C 247 -9.53 -7.38 -13.06
CA TYR C 247 -10.47 -8.50 -13.01
C TYR C 247 -10.73 -9.15 -14.37
N ALA C 248 -10.70 -8.36 -15.45
CA ALA C 248 -10.89 -8.95 -16.77
C ALA C 248 -9.72 -9.91 -17.07
N ASP C 249 -8.51 -9.46 -16.80
CA ASP C 249 -7.32 -10.31 -17.04
C ASP C 249 -7.36 -11.51 -16.11
N ALA C 250 -7.65 -11.25 -14.83
CA ALA C 250 -7.70 -12.33 -13.81
C ALA C 250 -8.74 -13.40 -14.14
N GLY C 251 -9.90 -12.99 -14.60
CA GLY C 251 -10.94 -13.97 -14.97
C GLY C 251 -10.54 -14.83 -16.14
N THR C 252 -10.00 -14.23 -17.19
CA THR C 252 -9.49 -14.94 -18.38
CA THR C 252 -9.60 -15.02 -18.35
C THR C 252 -8.42 -15.93 -17.96
N THR C 253 -7.48 -15.44 -17.13
CA THR C 253 -6.40 -16.29 -16.64
C THR C 253 -6.95 -17.46 -15.83
N MET C 254 -7.87 -17.18 -14.93
CA MET C 254 -8.37 -18.25 -14.04
C MET C 254 -9.18 -19.30 -14.83
N ALA C 255 -9.90 -18.87 -15.87
CA ALA C 255 -10.61 -19.78 -16.78
C ALA C 255 -9.64 -20.71 -17.51
N CYS C 256 -8.53 -20.15 -18.01
CA CYS C 256 -7.51 -20.99 -18.64
CA CYS C 256 -7.50 -20.97 -18.64
C CYS C 256 -6.90 -21.93 -17.63
N ASN C 257 -6.61 -21.43 -16.44
CA ASN C 257 -6.05 -22.28 -15.37
C ASN C 257 -6.97 -23.45 -14.99
N MET C 258 -8.26 -23.18 -14.93
CA MET C 258 -9.19 -24.23 -14.55
C MET C 258 -9.25 -25.36 -15.61
N MET C 259 -8.93 -25.08 -16.88
CA MET C 259 -8.89 -26.11 -17.93
C MET C 259 -7.57 -26.87 -17.95
N ASP C 260 -6.62 -26.47 -17.09
CA ASP C 260 -5.39 -27.23 -16.95
C ASP C 260 -5.67 -28.56 -16.26
N PRO C 261 -5.05 -29.64 -16.73
CA PRO C 261 -5.31 -30.94 -16.12
C PRO C 261 -5.10 -31.04 -14.60
N SER C 262 -4.11 -30.31 -14.04
CA SER C 262 -3.90 -30.34 -12.58
C SER C 262 -5.00 -29.62 -11.80
N ALA C 263 -5.65 -28.62 -12.39
CA ALA C 263 -6.81 -27.99 -11.77
C ALA C 263 -8.01 -28.94 -11.80
N LEU C 264 -8.23 -29.52 -12.97
CA LEU C 264 -9.30 -30.50 -13.14
C LEU C 264 -9.11 -31.63 -12.13
N GLU C 265 -7.88 -32.16 -12.04
CA GLU C 265 -7.59 -33.21 -11.06
C GLU C 265 -7.63 -32.73 -9.62
N GLY C 266 -7.10 -31.53 -9.36
CA GLY C 266 -7.12 -30.99 -8.01
C GLY C 266 -8.51 -30.81 -7.44
N VAL C 267 -9.40 -30.27 -8.26
CA VAL C 267 -10.79 -30.09 -7.80
C VAL C 267 -11.47 -31.46 -7.64
N SER C 268 -11.27 -32.36 -8.60
CA SER C 268 -11.81 -33.71 -8.48
C SER C 268 -11.37 -34.38 -7.18
N ALA C 269 -10.10 -34.29 -6.86
CA ALA C 269 -9.57 -34.90 -5.64
C ALA C 269 -10.21 -34.33 -4.39
N PHE C 270 -10.42 -33.01 -4.33
CA PHE C 270 -11.10 -32.40 -3.20
C PHE C 270 -12.51 -32.98 -3.04
N LEU C 271 -13.24 -33.05 -4.15
CA LEU C 271 -14.61 -33.59 -4.13
C LEU C 271 -14.67 -35.06 -3.72
N GLU C 272 -13.61 -35.79 -4.06
CA GLU C 272 -13.53 -37.22 -3.80
C GLU C 272 -12.77 -37.54 -2.51
N LYS C 273 -12.46 -36.49 -1.75
CA LYS C 273 -11.80 -36.56 -0.43
C LYS C 273 -10.52 -37.39 -0.45
N ARG C 274 -9.64 -37.02 -1.37
CA ARG C 274 -8.34 -37.69 -1.52
C ARG C 274 -7.25 -36.68 -1.93
N ARG C 275 -6.00 -37.13 -1.87
CA ARG C 275 -4.88 -36.29 -2.30
C ARG C 275 -4.88 -36.19 -3.83
N PRO C 276 -4.55 -35.00 -4.37
CA PRO C 276 -4.48 -34.90 -5.82
C PRO C 276 -3.23 -35.59 -6.39
N GLU C 277 -3.41 -36.31 -7.50
CA GLU C 277 -2.31 -36.97 -8.21
C GLU C 277 -1.67 -35.97 -9.16
N TRP C 278 -0.87 -35.07 -8.58
CA TRP C 278 -0.18 -34.05 -9.35
C TRP C 278 1.23 -34.43 -9.78
N HIS C 279 1.76 -35.52 -9.22
CA HIS C 279 3.14 -35.94 -9.50
C HIS C 279 4.16 -34.84 -9.20
N THR C 280 3.85 -34.07 -8.16
CA THR C 280 4.77 -33.06 -7.65
C THR C 280 5.45 -33.55 -6.39
N PRO C 281 6.64 -32.99 -6.07
CA PRO C 281 7.30 -33.42 -4.84
C PRO C 281 6.49 -33.07 -3.57
N GLN C 282 6.43 -34.05 -2.66
CA GLN C 282 5.62 -33.95 -1.44
C GLN C 282 6.53 -34.10 -0.22
#